data_5GRK
#
_entry.id   5GRK
#
_cell.length_a   70.023
_cell.length_b   89.894
_cell.length_c   255.339
_cell.angle_alpha   90.00
_cell.angle_beta   90.00
_cell.angle_gamma   90.00
#
_symmetry.space_group_name_H-M   'P 21 21 21'
#
loop_
_entity.id
_entity.type
_entity.pdbx_description
1 polymer 'Blr0248 protein'
2 non-polymer XANTHINE
#
_entity_poly.entity_id   1
_entity_poly.type   'polypeptide(L)'
_entity_poly.pdbx_seq_one_letter_code
;MLTEFDAGYGEQPFRDLCANYPGAEAYDPHDFRIEWGPIFHRGRLDGSARVLIVGQDPAQHETIVRRILVGTAGRRTQGF
LAKLGIVQSYVMVNTFLYSVYGQSGGSKHKNEPGIVDYRNKWFKAVLGPGNIEAVVSLGGLADEAWKAWLKSSDGAAYKT
LAYQHITHPTWPESSAHDSATQAANTKIMLAKWNAALAALAPEVKHPDVPTTLVPYGDAFKPSELVDIIAKDLPAGLPAW
MRGDTPWAVRQGVDAAAKRRTIMITIPDGVIP
;
_entity_poly.pdbx_strand_id   A,B,C,D
#
loop_
_chem_comp.id
_chem_comp.type
_chem_comp.name
_chem_comp.formula
XAN non-polymer XANTHINE 'C5 H4 N4 O2'
#
# COMPACT_ATOMS: atom_id res chain seq x y z
N MET A 1 -33.06 2.09 5.79
CA MET A 1 -32.70 3.15 4.79
C MET A 1 -31.33 2.85 4.18
N LEU A 2 -30.76 1.72 4.56
CA LEU A 2 -29.44 1.31 4.11
C LEU A 2 -29.47 0.67 2.73
N THR A 3 -28.57 1.11 1.85
CA THR A 3 -28.40 0.52 0.52
C THR A 3 -26.97 0.03 0.33
N GLU A 4 -26.81 -1.26 0.03
CA GLU A 4 -25.47 -1.82 -0.13
C GLU A 4 -24.89 -1.42 -1.47
N PHE A 5 -23.58 -1.55 -1.59
CA PHE A 5 -22.89 -1.24 -2.84
C PHE A 5 -21.55 -1.96 -2.87
N ASP A 6 -20.98 -2.06 -4.06
CA ASP A 6 -19.65 -2.63 -4.25
C ASP A 6 -18.67 -1.47 -4.27
N ALA A 7 -17.56 -1.59 -3.55
CA ALA A 7 -16.66 -0.48 -3.39
C ALA A 7 -15.44 -0.66 -4.28
N GLY A 8 -15.57 -1.55 -5.25
CA GLY A 8 -14.59 -1.68 -6.30
C GLY A 8 -13.30 -2.41 -5.98
N TYR A 9 -12.21 -1.81 -6.44
CA TYR A 9 -10.92 -2.49 -6.62
C TYR A 9 -9.80 -1.83 -5.83
N GLY A 10 -10.07 -1.51 -4.58
CA GLY A 10 -9.12 -0.75 -3.78
C GLY A 10 -8.10 -1.64 -3.11
N GLU A 11 -8.46 -2.89 -2.87
CA GLU A 11 -7.56 -3.85 -2.26
C GLU A 11 -6.75 -4.60 -3.31
N GLN A 12 -5.55 -5.02 -2.95
CA GLN A 12 -4.69 -5.82 -3.83
C GLN A 12 -5.16 -7.26 -3.81
N PRO A 13 -4.84 -8.04 -4.86
CA PRO A 13 -4.07 -7.72 -6.07
C PRO A 13 -4.89 -7.02 -7.15
N PHE A 14 -6.15 -6.74 -6.87
CA PHE A 14 -7.06 -6.21 -7.87
C PHE A 14 -6.72 -4.79 -8.25
N ARG A 15 -6.17 -4.04 -7.30
CA ARG A 15 -5.79 -2.66 -7.52
C ARG A 15 -4.76 -2.55 -8.64
N ASP A 16 -3.76 -3.42 -8.60
CA ASP A 16 -2.71 -3.43 -9.62
C ASP A 16 -3.22 -4.02 -10.92
N LEU A 17 -4.20 -4.92 -10.83
CA LEU A 17 -4.76 -5.57 -12.01
C LEU A 17 -5.53 -4.56 -12.85
N CYS A 18 -6.19 -3.62 -12.19
CA CYS A 18 -7.05 -2.65 -12.86
C CYS A 18 -6.30 -1.39 -13.30
N ALA A 19 -5.01 -1.32 -12.99
CA ALA A 19 -4.19 -0.19 -13.39
C ALA A 19 -3.28 -0.59 -14.54
N ASN A 20 -3.05 -1.89 -14.68
CA ASN A 20 -2.22 -2.42 -15.75
C ASN A 20 -2.98 -3.45 -16.57
N TYR A 21 -4.00 -3.00 -17.29
CA TYR A 21 -4.82 -3.89 -18.11
C TYR A 21 -4.41 -3.77 -19.57
N PRO A 22 -4.70 -4.79 -20.37
CA PRO A 22 -4.31 -4.75 -21.79
C PRO A 22 -5.26 -3.91 -22.65
N GLY A 23 -4.69 -3.26 -23.65
CA GLY A 23 -5.46 -2.45 -24.59
C GLY A 23 -5.33 -2.98 -26.00
N ALA A 24 -5.04 -2.07 -26.93
CA ALA A 24 -4.99 -2.42 -28.35
C ALA A 24 -3.85 -3.36 -28.69
N GLU A 25 -2.92 -3.56 -27.76
CA GLU A 25 -1.77 -4.43 -28.01
C GLU A 25 -2.14 -5.91 -27.89
N ALA A 26 -3.28 -6.17 -27.26
CA ALA A 26 -3.76 -7.54 -27.05
C ALA A 26 -5.13 -7.73 -27.68
N TYR A 27 -5.99 -6.73 -27.54
CA TYR A 27 -7.33 -6.75 -28.14
C TYR A 27 -7.38 -5.89 -29.40
N ASP A 28 -7.60 -6.51 -30.55
CA ASP A 28 -7.66 -5.79 -31.82
C ASP A 28 -8.76 -4.72 -31.79
N PRO A 29 -8.40 -3.49 -32.12
CA PRO A 29 -9.31 -2.34 -32.01
C PRO A 29 -10.51 -2.41 -32.97
N HIS A 30 -10.50 -3.38 -33.88
CA HIS A 30 -11.58 -3.52 -34.85
C HIS A 30 -12.52 -4.65 -34.46
N ASP A 31 -11.95 -5.77 -34.02
CA ASP A 31 -12.73 -6.94 -33.65
C ASP A 31 -13.18 -6.92 -32.19
N PHE A 32 -12.75 -5.89 -31.46
CA PHE A 32 -13.17 -5.71 -30.07
C PHE A 32 -13.59 -4.26 -29.81
N ARG A 33 -14.63 -4.09 -29.00
CA ARG A 33 -15.09 -2.75 -28.63
C ARG A 33 -14.23 -2.19 -27.50
N ILE A 34 -12.95 -1.96 -27.79
CA ILE A 34 -12.03 -1.47 -26.76
C ILE A 34 -12.25 0.02 -26.50
N GLU A 35 -13.11 0.64 -27.30
CA GLU A 35 -13.38 2.06 -27.20
C GLU A 35 -14.14 2.42 -25.94
N TRP A 36 -14.80 1.43 -25.35
CA TRP A 36 -15.60 1.65 -24.14
C TRP A 36 -14.84 1.35 -22.86
N GLY A 37 -13.61 0.86 -22.99
CA GLY A 37 -12.80 0.52 -21.84
C GLY A 37 -13.20 -0.81 -21.21
N PRO A 38 -12.33 -1.36 -20.33
CA PRO A 38 -12.56 -2.68 -19.76
C PRO A 38 -13.59 -2.72 -18.62
N ILE A 39 -14.42 -3.76 -18.63
CA ILE A 39 -15.36 -4.05 -17.56
C ILE A 39 -14.85 -5.32 -16.90
N PHE A 40 -14.52 -5.25 -15.61
CA PHE A 40 -13.66 -6.25 -14.99
C PHE A 40 -14.35 -7.47 -14.39
N HIS A 41 -15.43 -7.27 -13.65
CA HIS A 41 -16.03 -8.38 -12.90
C HIS A 41 -17.44 -8.06 -12.41
N ARG A 42 -17.99 -9.00 -11.69
CA ARG A 42 -19.13 -8.76 -10.88
C ARG A 42 -19.10 -9.69 -9.69
N GLY A 43 -19.30 -9.19 -8.51
CA GLY A 43 -19.40 -10.02 -7.35
C GLY A 43 -18.41 -9.73 -6.26
N ARG A 44 -18.22 -10.69 -5.38
CA ARG A 44 -17.43 -10.51 -4.19
C ARG A 44 -15.98 -10.74 -4.45
N LEU A 45 -15.13 -9.81 -4.04
CA LEU A 45 -13.72 -9.96 -4.18
C LEU A 45 -13.04 -9.93 -2.83
N ASP A 46 -13.81 -10.11 -1.78
CA ASP A 46 -13.32 -10.13 -0.42
C ASP A 46 -13.02 -11.55 0.04
N GLY A 47 -13.40 -12.53 -0.79
CA GLY A 47 -13.11 -13.93 -0.53
C GLY A 47 -14.29 -14.77 -0.10
N SER A 48 -15.45 -14.14 0.01
CA SER A 48 -16.65 -14.86 0.47
C SER A 48 -17.38 -15.57 -0.67
N ALA A 49 -16.88 -15.43 -1.89
CA ALA A 49 -17.50 -16.08 -3.05
C ALA A 49 -17.36 -17.59 -2.95
N ARG A 50 -18.42 -18.31 -3.31
CA ARG A 50 -18.42 -19.77 -3.24
C ARG A 50 -18.43 -20.38 -4.63
N VAL A 51 -19.02 -19.69 -5.60
CA VAL A 51 -19.04 -20.16 -6.98
C VAL A 51 -18.47 -19.09 -7.91
N LEU A 52 -17.66 -19.55 -8.86
CA LEU A 52 -17.11 -18.67 -9.89
C LEU A 52 -17.90 -18.83 -11.20
N ILE A 53 -18.31 -17.70 -11.77
CA ILE A 53 -18.93 -17.70 -13.10
C ILE A 53 -17.94 -17.19 -14.14
N VAL A 54 -17.78 -17.95 -15.22
CA VAL A 54 -16.99 -17.49 -16.36
C VAL A 54 -17.92 -17.19 -17.54
N GLY A 55 -18.10 -15.90 -17.84
CA GLY A 55 -18.91 -15.46 -18.95
C GLY A 55 -18.09 -15.28 -20.21
N GLN A 56 -18.69 -14.70 -21.24
CA GLN A 56 -18.00 -14.51 -22.52
C GLN A 56 -17.51 -13.07 -22.72
N ASP A 57 -18.42 -12.15 -22.99
CA ASP A 57 -18.04 -10.75 -23.21
C ASP A 57 -19.19 -9.81 -22.86
N PRO A 58 -18.87 -8.57 -22.45
CA PRO A 58 -19.88 -7.62 -21.98
C PRO A 58 -20.70 -6.98 -23.10
N ALA A 59 -21.86 -6.40 -22.74
CA ALA A 59 -22.75 -5.73 -23.69
C ALA A 59 -22.89 -4.26 -23.30
N GLN A 60 -23.98 -3.61 -23.71
CA GLN A 60 -24.11 -2.16 -23.52
C GLN A 60 -24.56 -1.78 -22.12
N HIS A 61 -25.33 -2.64 -21.46
CA HIS A 61 -25.74 -2.38 -20.08
C HIS A 61 -24.51 -2.38 -19.19
N GLU A 62 -23.61 -3.34 -19.44
CA GLU A 62 -22.39 -3.46 -18.67
C GLU A 62 -21.48 -2.27 -18.91
N THR A 63 -21.64 -1.65 -20.09
CA THR A 63 -20.81 -0.52 -20.49
C THR A 63 -21.16 0.73 -19.67
N ILE A 64 -22.35 0.74 -19.09
CA ILE A 64 -22.80 1.85 -18.28
C ILE A 64 -22.60 1.55 -16.79
N VAL A 65 -22.99 0.35 -16.38
CA VAL A 65 -22.91 -0.06 -14.98
C VAL A 65 -21.46 -0.27 -14.53
N ARG A 66 -20.61 -0.68 -15.47
CA ARG A 66 -19.19 -0.96 -15.22
C ARG A 66 -19.01 -2.22 -14.38
N ARG A 67 -20.02 -3.08 -14.40
CA ARG A 67 -19.91 -4.44 -13.90
C ARG A 67 -20.45 -5.37 -14.98
N ILE A 68 -19.95 -6.60 -15.07
CA ILE A 68 -20.30 -7.51 -16.16
C ILE A 68 -21.63 -8.20 -15.90
N LEU A 69 -22.28 -8.70 -16.96
CA LEU A 69 -23.50 -9.49 -16.79
C LEU A 69 -24.58 -8.84 -15.91
N VAL A 70 -25.07 -7.67 -16.32
CA VAL A 70 -26.16 -7.00 -15.61
C VAL A 70 -27.42 -6.90 -16.47
N GLY A 71 -27.34 -7.42 -17.68
CA GLY A 71 -28.48 -7.43 -18.60
C GLY A 71 -29.30 -8.69 -18.43
N THR A 72 -30.02 -9.07 -19.49
CA THR A 72 -30.89 -10.23 -19.46
C THR A 72 -30.11 -11.51 -19.19
N ALA A 73 -28.91 -11.60 -19.75
CA ALA A 73 -28.05 -12.75 -19.53
C ALA A 73 -27.74 -12.87 -18.03
N GLY A 74 -27.52 -11.73 -17.40
CA GLY A 74 -27.20 -11.69 -15.98
C GLY A 74 -28.34 -12.10 -15.08
N ARG A 75 -29.56 -11.68 -15.43
CA ARG A 75 -30.72 -11.99 -14.61
C ARG A 75 -31.08 -13.48 -14.70
N ARG A 76 -30.75 -14.10 -15.82
CA ARG A 76 -30.96 -15.53 -15.98
C ARG A 76 -29.93 -16.31 -15.17
N THR A 77 -28.72 -15.75 -15.09
CA THR A 77 -27.64 -16.36 -14.31
C THR A 77 -27.90 -16.22 -12.82
N GLN A 78 -28.47 -15.10 -12.40
CA GLN A 78 -28.83 -14.90 -10.99
C GLN A 78 -29.81 -15.96 -10.53
N GLY A 79 -30.76 -16.29 -11.39
CA GLY A 79 -31.78 -17.27 -11.08
C GLY A 79 -31.21 -18.68 -11.02
N PHE A 80 -30.19 -18.92 -11.84
CA PHE A 80 -29.49 -20.20 -11.86
C PHE A 80 -28.77 -20.41 -10.53
N LEU A 81 -28.13 -19.36 -10.06
CA LEU A 81 -27.43 -19.39 -8.78
C LEU A 81 -28.40 -19.50 -7.61
N ALA A 82 -29.55 -18.86 -7.73
CA ALA A 82 -30.54 -18.86 -6.67
C ALA A 82 -31.07 -20.28 -6.42
N LYS A 83 -31.01 -21.11 -7.44
CA LYS A 83 -31.46 -22.49 -7.32
C LYS A 83 -30.47 -23.32 -6.52
N LEU A 84 -29.23 -22.84 -6.45
CA LEU A 84 -28.19 -23.49 -5.66
C LEU A 84 -28.09 -22.89 -4.26
N GLY A 85 -28.97 -21.94 -3.96
CA GLY A 85 -28.96 -21.27 -2.68
C GLY A 85 -28.00 -20.10 -2.61
N ILE A 86 -27.35 -19.80 -3.73
CA ILE A 86 -26.41 -18.68 -3.80
C ILE A 86 -27.13 -17.39 -4.14
N VAL A 87 -27.08 -16.42 -3.22
CA VAL A 87 -27.78 -15.16 -3.39
C VAL A 87 -26.80 -13.99 -3.59
N GLN A 88 -25.64 -14.06 -2.93
CA GLN A 88 -24.64 -12.99 -3.05
C GLN A 88 -23.21 -13.51 -3.12
N SER A 89 -23.01 -14.76 -2.68
CA SER A 89 -21.66 -15.32 -2.57
C SER A 89 -21.19 -15.91 -3.90
N TYR A 90 -20.83 -15.02 -4.82
CA TYR A 90 -20.36 -15.42 -6.13
C TYR A 90 -19.38 -14.39 -6.67
N VAL A 91 -18.64 -14.77 -7.70
CA VAL A 91 -17.77 -13.84 -8.40
C VAL A 91 -17.82 -14.22 -9.87
N MET A 92 -17.95 -13.21 -10.73
CA MET A 92 -18.06 -13.44 -12.16
C MET A 92 -16.96 -12.71 -12.92
N VAL A 93 -16.40 -13.40 -13.91
CA VAL A 93 -15.36 -12.83 -14.75
C VAL A 93 -15.62 -13.24 -16.20
N ASN A 94 -15.29 -12.35 -17.13
CA ASN A 94 -15.55 -12.60 -18.54
C ASN A 94 -14.34 -13.18 -19.28
N THR A 95 -14.60 -13.91 -20.35
CA THR A 95 -13.56 -14.47 -21.19
C THR A 95 -12.77 -13.33 -21.82
N PHE A 96 -13.49 -12.25 -22.16
CA PHE A 96 -12.89 -11.06 -22.75
C PHE A 96 -13.18 -9.82 -21.89
N LEU A 97 -12.19 -8.94 -21.78
CA LEU A 97 -12.35 -7.71 -21.05
C LEU A 97 -13.34 -6.79 -21.75
N TYR A 98 -13.24 -6.77 -23.08
CA TYR A 98 -14.07 -5.91 -23.90
C TYR A 98 -15.09 -6.75 -24.62
N SER A 99 -16.05 -6.08 -25.26
CA SER A 99 -17.07 -6.77 -26.01
C SER A 99 -16.52 -7.16 -27.36
N VAL A 100 -17.05 -8.23 -27.93
CA VAL A 100 -16.66 -8.64 -29.26
C VAL A 100 -17.38 -7.73 -30.23
N TYR A 101 -16.69 -7.28 -31.27
CA TYR A 101 -17.33 -6.53 -32.32
C TYR A 101 -17.43 -7.33 -33.57
N GLY A 102 -18.37 -8.21 -33.59
CA GLY A 102 -18.68 -8.99 -34.78
C GLY A 102 -20.16 -8.96 -35.10
N GLN A 103 -20.62 -9.85 -35.98
CA GLN A 103 -19.78 -10.84 -36.65
C GLN A 103 -19.27 -11.93 -35.69
N SER A 104 -19.68 -11.83 -34.44
CA SER A 104 -19.29 -12.80 -33.41
C SER A 104 -17.85 -13.25 -33.67
N GLY A 105 -16.99 -12.29 -33.98
CA GLY A 105 -15.59 -12.58 -34.25
C GLY A 105 -14.86 -12.60 -32.93
N GLY A 106 -15.24 -13.53 -32.06
CA GLY A 106 -14.61 -13.66 -30.75
C GLY A 106 -13.51 -14.70 -30.75
N SER A 107 -13.82 -15.86 -31.32
CA SER A 107 -12.88 -16.97 -31.39
C SER A 107 -11.74 -16.69 -32.36
N LYS A 108 -11.76 -15.52 -32.98
CA LYS A 108 -10.71 -15.14 -33.91
C LYS A 108 -9.41 -14.80 -33.18
N HIS A 109 -9.54 -14.37 -31.94
CA HIS A 109 -8.39 -13.91 -31.16
C HIS A 109 -8.27 -14.62 -29.83
N LYS A 110 -8.86 -15.81 -29.72
CA LYS A 110 -8.90 -16.52 -28.45
C LYS A 110 -7.50 -17.01 -28.04
N ASN A 111 -6.56 -16.96 -28.97
CA ASN A 111 -5.22 -17.47 -28.73
C ASN A 111 -4.18 -16.36 -28.52
N GLU A 112 -4.65 -15.12 -28.40
CA GLU A 112 -3.73 -14.01 -28.19
C GLU A 112 -3.14 -14.12 -26.78
N PRO A 113 -1.81 -14.20 -26.67
CA PRO A 113 -1.19 -14.34 -25.34
C PRO A 113 -1.57 -13.22 -24.37
N GLY A 114 -1.61 -11.99 -24.87
CA GLY A 114 -1.92 -10.85 -24.04
C GLY A 114 -3.32 -10.90 -23.44
N ILE A 115 -4.18 -11.73 -24.03
CA ILE A 115 -5.55 -11.84 -23.58
C ILE A 115 -5.71 -12.96 -22.56
N VAL A 116 -5.16 -14.13 -22.86
CA VAL A 116 -5.32 -15.29 -22.00
C VAL A 116 -4.52 -15.11 -20.72
N ASP A 117 -3.32 -14.55 -20.85
CA ASP A 117 -2.44 -14.31 -19.72
C ASP A 117 -3.09 -13.40 -18.67
N TYR A 118 -3.75 -12.34 -19.15
CA TYR A 118 -4.38 -11.39 -18.24
C TYR A 118 -5.61 -11.95 -17.55
N ARG A 119 -6.34 -12.81 -18.24
CA ARG A 119 -7.53 -13.43 -17.66
C ARG A 119 -7.12 -14.45 -16.60
N ASN A 120 -6.03 -15.15 -16.85
CA ASN A 120 -5.51 -16.13 -15.91
C ASN A 120 -5.08 -15.47 -14.61
N LYS A 121 -4.57 -14.25 -14.73
CA LYS A 121 -4.20 -13.45 -13.55
C LYS A 121 -5.42 -13.15 -12.69
N TRP A 122 -6.57 -12.94 -13.33
CA TRP A 122 -7.81 -12.67 -12.61
C TRP A 122 -8.36 -13.97 -12.01
N PHE A 123 -8.14 -15.08 -12.70
CA PHE A 123 -8.53 -16.39 -12.18
C PHE A 123 -7.69 -16.73 -10.96
N LYS A 124 -6.38 -16.50 -11.08
CA LYS A 124 -5.45 -16.78 -9.99
C LYS A 124 -5.84 -15.98 -8.74
N ALA A 125 -6.29 -14.75 -8.96
CA ALA A 125 -6.63 -13.85 -7.86
C ALA A 125 -7.94 -14.23 -7.15
N VAL A 126 -9.00 -14.49 -7.92
CA VAL A 126 -10.30 -14.80 -7.33
C VAL A 126 -10.32 -16.19 -6.69
N LEU A 127 -9.48 -17.08 -7.19
CA LEU A 127 -9.41 -18.45 -6.67
C LEU A 127 -8.43 -18.57 -5.50
N GLY A 128 -7.56 -17.58 -5.37
CA GLY A 128 -6.49 -17.61 -4.38
C GLY A 128 -6.91 -17.95 -2.96
N PRO A 129 -7.95 -17.27 -2.45
CA PRO A 129 -8.43 -17.51 -1.08
C PRO A 129 -8.90 -18.94 -0.81
N GLY A 130 -9.03 -19.74 -1.86
CA GLY A 130 -9.35 -21.16 -1.72
C GLY A 130 -10.74 -21.46 -1.20
N ASN A 131 -11.66 -20.50 -1.35
CA ASN A 131 -13.02 -20.63 -0.84
C ASN A 131 -14.04 -21.04 -1.90
N ILE A 132 -13.63 -21.02 -3.17
CA ILE A 132 -14.50 -21.42 -4.27
C ILE A 132 -14.70 -22.94 -4.27
N GLU A 133 -15.95 -23.37 -4.34
CA GLU A 133 -16.29 -24.78 -4.34
C GLU A 133 -17.00 -25.24 -5.63
N ALA A 134 -17.29 -24.31 -6.53
CA ALA A 134 -17.92 -24.64 -7.81
C ALA A 134 -17.65 -23.59 -8.88
N VAL A 135 -17.42 -24.04 -10.11
CA VAL A 135 -17.17 -23.13 -11.24
C VAL A 135 -18.15 -23.41 -12.38
N VAL A 136 -18.78 -22.35 -12.89
CA VAL A 136 -19.71 -22.48 -14.02
C VAL A 136 -19.29 -21.57 -15.17
N SER A 137 -19.07 -22.15 -16.34
CA SER A 137 -18.74 -21.38 -17.54
C SER A 137 -19.98 -21.19 -18.39
N LEU A 138 -20.10 -20.01 -19.00
CA LEU A 138 -21.23 -19.68 -19.87
C LEU A 138 -20.78 -19.67 -21.33
N GLY A 139 -21.27 -20.63 -22.11
CA GLY A 139 -20.92 -20.70 -23.51
C GLY A 139 -19.65 -21.50 -23.73
N GLY A 140 -19.30 -21.69 -25.00
CA GLY A 140 -18.17 -22.53 -25.36
C GLY A 140 -16.81 -21.89 -25.21
N LEU A 141 -16.72 -20.57 -25.30
CA LEU A 141 -15.42 -19.90 -25.19
C LEU A 141 -14.98 -19.79 -23.74
N ALA A 142 -15.93 -19.61 -22.84
CA ALA A 142 -15.63 -19.58 -21.41
C ALA A 142 -15.18 -20.97 -20.99
N ASP A 143 -15.79 -21.98 -21.60
CA ASP A 143 -15.44 -23.37 -21.36
C ASP A 143 -14.00 -23.64 -21.76
N GLU A 144 -13.60 -23.13 -22.92
CA GLU A 144 -12.23 -23.32 -23.39
C GLU A 144 -11.26 -22.52 -22.55
N ALA A 145 -11.75 -21.41 -22.00
CA ALA A 145 -10.92 -20.54 -21.17
C ALA A 145 -10.58 -21.22 -19.85
N TRP A 146 -11.57 -21.85 -19.24
CA TRP A 146 -11.35 -22.55 -17.98
C TRP A 146 -10.48 -23.77 -18.17
N LYS A 147 -10.67 -24.46 -19.29
CA LYS A 147 -9.91 -25.68 -19.56
C LYS A 147 -8.47 -25.36 -19.92
N ALA A 148 -8.25 -24.21 -20.52
CA ALA A 148 -6.90 -23.76 -20.84
C ALA A 148 -6.20 -23.27 -19.57
N TRP A 149 -7.00 -22.84 -18.60
CA TRP A 149 -6.51 -22.39 -17.30
C TRP A 149 -6.01 -23.56 -16.47
N LEU A 150 -6.75 -24.66 -16.50
CA LEU A 150 -6.39 -25.85 -15.72
C LEU A 150 -5.11 -26.48 -16.26
N LYS A 151 -4.74 -26.12 -17.49
CA LYS A 151 -3.57 -26.68 -18.14
C LYS A 151 -2.34 -25.81 -17.90
N SER A 152 -2.53 -24.69 -17.21
CA SER A 152 -1.42 -23.81 -16.84
C SER A 152 -0.92 -24.22 -15.46
N SER A 153 0.27 -23.74 -15.10
CA SER A 153 0.89 -24.10 -13.83
C SER A 153 0.03 -23.65 -12.64
N ASP A 154 -0.40 -22.40 -12.66
CA ASP A 154 -1.13 -21.83 -11.54
C ASP A 154 -2.53 -22.42 -11.39
N GLY A 155 -3.06 -22.99 -12.47
CA GLY A 155 -4.43 -23.48 -12.48
C GLY A 155 -4.54 -24.99 -12.34
N ALA A 156 -3.40 -25.67 -12.44
CA ALA A 156 -3.36 -27.13 -12.34
C ALA A 156 -3.95 -27.64 -11.03
N ALA A 157 -3.97 -26.78 -10.01
CA ALA A 157 -4.43 -27.18 -8.69
C ALA A 157 -5.96 -27.11 -8.56
N TYR A 158 -6.64 -26.95 -9.69
CA TYR A 158 -8.09 -26.79 -9.68
C TYR A 158 -8.78 -27.78 -10.62
N LYS A 159 -8.05 -28.80 -11.05
CA LYS A 159 -8.64 -29.83 -11.90
C LYS A 159 -9.72 -30.61 -11.16
N THR A 160 -9.64 -30.61 -9.83
CA THR A 160 -10.57 -31.37 -8.99
C THR A 160 -11.79 -30.55 -8.62
N LEU A 161 -11.69 -29.23 -8.80
CA LEU A 161 -12.76 -28.33 -8.39
C LEU A 161 -13.99 -28.55 -9.25
N ALA A 162 -15.14 -28.69 -8.59
CA ALA A 162 -16.40 -28.94 -9.28
C ALA A 162 -16.61 -27.95 -10.41
N TYR A 163 -16.93 -28.48 -11.60
CA TYR A 163 -17.03 -27.67 -12.79
C TYR A 163 -18.13 -28.15 -13.72
N GLN A 164 -18.91 -27.20 -14.23
CA GLN A 164 -19.96 -27.48 -15.19
C GLN A 164 -19.98 -26.44 -16.30
N HIS A 165 -19.89 -26.91 -17.54
CA HIS A 165 -20.08 -26.06 -18.71
C HIS A 165 -21.52 -26.11 -19.16
N ILE A 166 -22.22 -24.98 -19.05
CA ILE A 166 -23.61 -24.90 -19.50
C ILE A 166 -23.73 -24.01 -20.73
N THR A 167 -24.90 -24.04 -21.37
CA THR A 167 -25.14 -23.25 -22.56
C THR A 167 -25.29 -21.77 -22.20
N HIS A 168 -24.77 -20.91 -23.06
CA HIS A 168 -24.81 -19.46 -22.83
C HIS A 168 -26.25 -18.97 -22.72
N PRO A 169 -26.59 -18.22 -21.64
CA PRO A 169 -27.97 -17.81 -21.38
C PRO A 169 -28.73 -17.18 -22.56
N THR A 170 -28.04 -16.54 -23.49
CA THR A 170 -28.70 -15.87 -24.61
C THR A 170 -28.64 -16.68 -25.89
N TRP A 171 -28.54 -17.99 -25.76
CA TRP A 171 -28.48 -18.89 -26.92
C TRP A 171 -29.81 -18.97 -27.68
N PRO A 172 -30.94 -19.09 -26.97
CA PRO A 172 -32.21 -19.18 -27.68
C PRO A 172 -32.46 -17.98 -28.59
N GLU A 173 -32.28 -16.77 -28.06
CA GLU A 173 -32.54 -15.56 -28.83
C GLU A 173 -31.44 -15.27 -29.84
N SER A 174 -30.32 -15.98 -29.72
CA SER A 174 -29.19 -15.80 -30.63
C SER A 174 -29.23 -16.78 -31.79
N SER A 175 -29.95 -17.89 -31.61
CA SER A 175 -29.98 -18.96 -32.59
C SER A 175 -31.09 -18.79 -33.62
N ALA A 176 -32.12 -18.03 -33.28
CA ALA A 176 -33.26 -17.86 -34.17
C ALA A 176 -34.09 -16.64 -33.77
N HIS A 177 -34.95 -16.19 -34.70
CA HIS A 177 -35.78 -15.00 -34.46
C HIS A 177 -37.26 -15.33 -34.27
N ASP A 178 -37.72 -16.42 -34.87
CA ASP A 178 -39.09 -16.88 -34.70
C ASP A 178 -39.33 -17.33 -33.25
N SER A 179 -40.42 -16.86 -32.67
CA SER A 179 -40.74 -17.14 -31.27
C SER A 179 -40.90 -18.64 -31.04
N ALA A 180 -41.20 -19.38 -32.09
CA ALA A 180 -41.42 -20.82 -31.98
C ALA A 180 -40.11 -21.57 -31.80
N THR A 181 -39.13 -21.31 -32.67
CA THR A 181 -37.83 -21.96 -32.57
C THR A 181 -37.09 -21.51 -31.32
N GLN A 182 -37.27 -20.24 -30.94
CA GLN A 182 -36.64 -19.70 -29.75
C GLN A 182 -37.16 -20.42 -28.51
N ALA A 183 -38.46 -20.68 -28.48
CA ALA A 183 -39.09 -21.36 -27.36
C ALA A 183 -38.68 -22.82 -27.27
N ALA A 184 -38.43 -23.44 -28.43
CA ALA A 184 -38.05 -24.85 -28.46
C ALA A 184 -36.64 -25.05 -27.92
N ASN A 185 -35.72 -24.19 -28.36
CA ASN A 185 -34.33 -24.25 -27.91
C ASN A 185 -34.20 -23.91 -26.43
N THR A 186 -35.08 -23.03 -25.95
CA THR A 186 -35.07 -22.65 -24.55
C THR A 186 -35.36 -23.90 -23.72
N LYS A 187 -36.30 -24.71 -24.18
CA LYS A 187 -36.64 -25.95 -23.50
C LYS A 187 -35.44 -26.89 -23.47
N ILE A 188 -34.65 -26.85 -24.55
CA ILE A 188 -33.46 -27.69 -24.64
C ILE A 188 -32.41 -27.20 -23.66
N MET A 189 -32.29 -25.89 -23.53
CA MET A 189 -31.32 -25.29 -22.61
C MET A 189 -31.66 -25.60 -21.15
N LEU A 190 -32.89 -25.31 -20.77
CA LEU A 190 -33.34 -25.49 -19.39
C LEU A 190 -33.21 -26.94 -18.98
N ALA A 191 -33.31 -27.84 -19.94
CA ALA A 191 -33.17 -29.28 -19.69
C ALA A 191 -31.72 -29.61 -19.38
N LYS A 192 -30.80 -28.97 -20.11
CA LYS A 192 -29.37 -29.17 -19.91
C LYS A 192 -28.91 -28.49 -18.62
N TRP A 193 -29.53 -27.37 -18.29
CA TRP A 193 -29.22 -26.64 -17.08
C TRP A 193 -29.61 -27.46 -15.86
N ASN A 194 -30.71 -28.20 -15.97
CA ASN A 194 -31.18 -29.04 -14.87
C ASN A 194 -30.17 -30.13 -14.54
N ALA A 195 -29.49 -30.63 -15.57
CA ALA A 195 -28.47 -31.66 -15.40
C ALA A 195 -27.27 -31.10 -14.65
N ALA A 196 -26.92 -29.85 -14.93
CA ALA A 196 -25.78 -29.21 -14.30
C ALA A 196 -26.07 -28.84 -12.84
N LEU A 197 -27.30 -28.42 -12.57
CA LEU A 197 -27.70 -28.06 -11.22
C LEU A 197 -27.68 -29.27 -10.29
N ALA A 198 -28.00 -30.44 -10.84
CA ALA A 198 -28.03 -31.67 -10.07
C ALA A 198 -26.61 -32.11 -9.70
N ALA A 199 -25.65 -31.79 -10.57
CA ALA A 199 -24.27 -32.17 -10.37
C ALA A 199 -23.55 -31.21 -9.43
N LEU A 200 -24.09 -30.00 -9.28
CA LEU A 200 -23.42 -28.95 -8.51
C LEU A 200 -24.00 -28.81 -7.10
N ALA A 201 -25.25 -29.22 -6.92
CA ALA A 201 -25.92 -29.07 -5.64
C ALA A 201 -25.17 -29.70 -4.46
N PRO A 202 -24.61 -30.92 -4.65
CA PRO A 202 -23.90 -31.52 -3.52
C PRO A 202 -22.50 -30.92 -3.28
N GLU A 203 -21.98 -30.19 -4.26
CA GLU A 203 -20.64 -29.60 -4.14
C GLU A 203 -20.70 -28.25 -3.44
N VAL A 204 -21.84 -27.56 -3.57
CA VAL A 204 -22.04 -26.28 -2.92
C VAL A 204 -22.50 -26.51 -1.49
N LYS A 205 -21.53 -26.61 -0.58
CA LYS A 205 -21.81 -26.99 0.79
C LYS A 205 -21.99 -25.77 1.70
N HIS A 206 -21.76 -24.58 1.14
CA HIS A 206 -21.91 -23.33 1.87
C HIS A 206 -22.77 -22.31 1.13
N PRO A 207 -24.06 -22.63 0.95
CA PRO A 207 -24.97 -21.68 0.29
C PRO A 207 -25.38 -20.54 1.19
N ASP A 208 -25.67 -19.38 0.60
CA ASP A 208 -26.16 -18.25 1.37
C ASP A 208 -27.52 -18.59 1.96
N VAL A 209 -28.21 -19.51 1.30
CA VAL A 209 -29.51 -19.98 1.75
C VAL A 209 -29.64 -21.47 1.47
N PRO A 210 -29.81 -22.30 2.52
CA PRO A 210 -30.03 -23.72 2.26
C PRO A 210 -31.25 -23.93 1.39
N THR A 211 -31.11 -24.67 0.30
CA THR A 211 -32.17 -24.79 -0.70
C THR A 211 -32.27 -26.17 -1.34
N THR A 212 -33.46 -26.75 -1.30
CA THR A 212 -33.75 -27.98 -2.03
C THR A 212 -33.98 -27.62 -3.50
N LEU A 213 -33.33 -28.37 -4.39
CA LEU A 213 -33.34 -28.07 -5.81
C LEU A 213 -34.72 -28.16 -6.48
N VAL A 214 -35.08 -27.10 -7.19
CA VAL A 214 -36.31 -27.05 -7.99
C VAL A 214 -35.96 -26.84 -9.47
N PRO A 215 -36.20 -27.86 -10.31
CA PRO A 215 -35.79 -27.74 -11.71
C PRO A 215 -36.60 -26.75 -12.54
N TYR A 216 -36.02 -26.31 -13.65
CA TYR A 216 -36.70 -25.43 -14.60
C TYR A 216 -37.82 -26.20 -15.30
N GLY A 217 -38.79 -25.46 -15.82
CA GLY A 217 -39.81 -26.06 -16.68
C GLY A 217 -39.31 -26.04 -18.11
N ASP A 218 -40.25 -25.88 -19.05
CA ASP A 218 -39.89 -25.82 -20.46
C ASP A 218 -39.54 -24.37 -20.83
N ALA A 219 -40.01 -23.43 -20.02
CA ALA A 219 -39.73 -22.02 -20.23
C ALA A 219 -39.40 -21.35 -18.90
N PHE A 220 -38.80 -20.16 -18.99
CA PHE A 220 -38.47 -19.38 -17.81
C PHE A 220 -39.71 -18.91 -17.06
N LYS A 221 -39.65 -19.00 -15.74
CA LYS A 221 -40.65 -18.38 -14.89
C LYS A 221 -40.11 -17.03 -14.43
N PRO A 222 -40.99 -16.06 -14.15
CA PRO A 222 -40.52 -14.74 -13.71
C PRO A 222 -39.68 -14.80 -12.43
N SER A 223 -39.92 -15.82 -11.61
CA SER A 223 -39.20 -15.95 -10.34
C SER A 223 -37.80 -16.52 -10.58
N GLU A 224 -37.61 -17.11 -11.75
CA GLU A 224 -36.31 -17.67 -12.12
C GLU A 224 -35.48 -16.62 -12.86
N LEU A 225 -36.02 -15.41 -12.96
CA LEU A 225 -35.29 -14.26 -13.47
C LEU A 225 -35.12 -13.29 -12.30
N VAL A 226 -33.91 -13.23 -11.77
CA VAL A 226 -33.65 -12.52 -10.53
C VAL A 226 -32.83 -11.27 -10.79
N ASP A 227 -33.30 -10.15 -10.27
CA ASP A 227 -32.60 -8.88 -10.42
C ASP A 227 -31.24 -8.92 -9.73
N ILE A 228 -30.28 -8.24 -10.33
CA ILE A 228 -28.96 -8.08 -9.75
C ILE A 228 -29.10 -7.35 -8.42
N ILE A 229 -28.30 -7.75 -7.44
CA ILE A 229 -28.41 -7.20 -6.10
C ILE A 229 -27.68 -5.86 -6.00
N ALA A 230 -28.13 -5.00 -5.10
CA ALA A 230 -27.57 -3.67 -4.94
C ALA A 230 -26.09 -3.74 -4.64
N LYS A 231 -25.72 -4.76 -3.87
CA LYS A 231 -24.35 -4.97 -3.41
C LYS A 231 -23.36 -5.16 -4.57
N ASP A 232 -23.88 -5.44 -5.77
CA ASP A 232 -23.04 -5.65 -6.95
C ASP A 232 -22.71 -4.36 -7.71
N LEU A 233 -23.47 -3.31 -7.46
CA LEU A 233 -23.33 -2.06 -8.22
C LEU A 233 -22.51 -1.02 -7.47
N PRO A 234 -21.77 -0.17 -8.20
CA PRO A 234 -21.06 0.95 -7.59
C PRO A 234 -21.98 1.84 -6.76
N ALA A 235 -21.39 2.68 -5.91
CA ALA A 235 -22.15 3.54 -5.03
C ALA A 235 -22.94 4.58 -5.81
N GLY A 236 -24.24 4.62 -5.57
CA GLY A 236 -25.09 5.67 -6.11
C GLY A 236 -25.93 5.30 -7.32
N LEU A 237 -25.64 4.17 -7.96
CA LEU A 237 -26.40 3.77 -9.14
C LEU A 237 -27.84 3.49 -8.75
N PRO A 238 -28.81 4.03 -9.50
CA PRO A 238 -30.22 3.91 -9.11
C PRO A 238 -30.76 2.50 -9.25
N ALA A 239 -31.85 2.22 -8.54
CA ALA A 239 -32.38 0.86 -8.43
C ALA A 239 -32.81 0.28 -9.78
N TRP A 240 -33.24 1.14 -10.69
CA TRP A 240 -33.74 0.68 -11.98
C TRP A 240 -32.63 0.20 -12.91
N MET A 241 -31.37 0.54 -12.60
CA MET A 241 -30.25 0.04 -13.38
C MET A 241 -30.03 -1.45 -13.09
N ARG A 242 -30.66 -1.93 -12.03
CA ARG A 242 -30.61 -3.35 -11.69
C ARG A 242 -32.03 -3.89 -11.58
N GLY A 243 -32.91 -3.42 -12.45
CA GLY A 243 -34.29 -3.86 -12.49
C GLY A 243 -34.54 -4.86 -13.60
N ASP A 244 -35.81 -5.13 -13.87
CA ASP A 244 -36.19 -6.15 -14.83
C ASP A 244 -36.42 -5.58 -16.22
N THR A 245 -36.39 -4.26 -16.34
CA THR A 245 -36.69 -3.57 -17.59
C THR A 245 -35.41 -3.07 -18.27
N PRO A 246 -35.22 -3.38 -19.56
CA PRO A 246 -34.08 -2.85 -20.31
C PRO A 246 -34.03 -1.32 -20.32
N TRP A 247 -32.83 -0.74 -20.43
CA TRP A 247 -32.69 0.71 -20.39
C TRP A 247 -31.52 1.22 -21.21
N ALA A 248 -30.84 0.33 -21.93
CA ALA A 248 -29.71 0.74 -22.76
C ALA A 248 -29.70 0.00 -24.10
N VAL A 249 -29.42 0.74 -25.16
CA VAL A 249 -29.32 0.16 -26.50
C VAL A 249 -28.37 1.00 -27.35
N ARG A 250 -27.72 0.37 -28.32
CA ARG A 250 -26.89 1.09 -29.27
C ARG A 250 -27.75 1.63 -30.41
N GLN A 251 -27.44 2.85 -30.84
CA GLN A 251 -28.27 3.51 -31.85
C GLN A 251 -27.44 4.24 -32.89
N GLY A 252 -27.74 3.98 -34.16
CA GLY A 252 -27.04 4.63 -35.25
C GLY A 252 -27.69 4.33 -36.59
N VAL A 253 -27.47 5.23 -37.55
CA VAL A 253 -28.05 5.09 -38.88
C VAL A 253 -27.37 3.98 -39.67
N ASP A 254 -26.08 3.80 -39.43
CA ASP A 254 -25.32 2.70 -40.03
C ASP A 254 -24.40 2.08 -38.99
N ALA A 255 -23.55 1.15 -39.42
CA ALA A 255 -22.69 0.40 -38.49
C ALA A 255 -21.69 1.30 -37.76
N ALA A 256 -21.13 2.28 -38.47
CA ALA A 256 -20.12 3.14 -37.88
C ALA A 256 -20.70 4.04 -36.79
N ALA A 257 -21.93 4.48 -37.00
CA ALA A 257 -22.60 5.36 -36.05
C ALA A 257 -23.17 4.58 -34.88
N LYS A 258 -23.62 3.36 -35.15
CA LYS A 258 -24.22 2.52 -34.12
C LYS A 258 -23.16 2.10 -33.08
N ARG A 259 -21.92 1.95 -33.54
CA ARG A 259 -20.83 1.56 -32.67
C ARG A 259 -20.45 2.68 -31.71
N ARG A 260 -20.69 3.91 -32.12
CA ARG A 260 -20.22 5.08 -31.38
C ARG A 260 -21.21 5.58 -30.33
N THR A 261 -22.38 4.96 -30.24
CA THR A 261 -23.45 5.52 -29.43
C THR A 261 -24.14 4.47 -28.57
N ILE A 262 -24.43 4.85 -27.33
CA ILE A 262 -25.31 4.09 -26.45
C ILE A 262 -26.36 5.06 -25.95
N MET A 263 -27.61 4.64 -26.00
CA MET A 263 -28.71 5.47 -25.57
C MET A 263 -29.27 4.92 -24.26
N ILE A 264 -29.33 5.75 -23.22
CA ILE A 264 -29.86 5.33 -21.93
C ILE A 264 -31.24 5.92 -21.71
N THR A 265 -32.20 5.05 -21.40
CA THR A 265 -33.58 5.48 -21.17
C THR A 265 -34.12 4.90 -19.87
N ILE A 266 -34.46 5.78 -18.94
CA ILE A 266 -35.02 5.36 -17.65
C ILE A 266 -36.36 4.67 -17.88
N PRO A 267 -36.57 3.49 -17.29
CA PRO A 267 -37.86 2.81 -17.44
C PRO A 267 -39.04 3.68 -16.99
N ASP A 268 -40.21 3.43 -17.56
CA ASP A 268 -41.40 4.18 -17.17
C ASP A 268 -41.76 3.81 -15.74
N GLY A 269 -42.18 4.82 -14.97
CA GLY A 269 -42.62 4.61 -13.59
C GLY A 269 -41.65 5.12 -12.53
N VAL A 270 -40.41 5.37 -12.93
CA VAL A 270 -39.41 5.87 -11.98
C VAL A 270 -39.74 7.31 -11.59
N ILE A 271 -39.82 8.18 -12.59
CA ILE A 271 -40.11 9.59 -12.37
C ILE A 271 -41.62 9.77 -12.17
N PRO A 272 -42.03 10.51 -11.13
CA PRO A 272 -43.47 10.65 -10.87
C PRO A 272 -44.23 11.26 -12.04
N MET B 1 2.82 2.72 -19.10
CA MET B 1 1.49 2.15 -19.47
C MET B 1 0.58 2.01 -18.25
N LEU B 2 1.00 2.55 -17.13
CA LEU B 2 0.23 2.52 -15.89
C LEU B 2 -0.87 3.55 -16.01
N THR B 3 -2.10 3.17 -15.71
CA THR B 3 -3.20 4.13 -15.68
C THR B 3 -3.83 4.14 -14.31
N GLU B 4 -3.78 5.30 -13.67
CA GLU B 4 -4.30 5.44 -12.31
C GLU B 4 -5.81 5.57 -12.32
N PHE B 5 -6.42 5.36 -11.16
CA PHE B 5 -7.87 5.47 -11.03
C PHE B 5 -8.25 5.72 -9.59
N ASP B 6 -9.48 6.17 -9.39
CA ASP B 6 -10.04 6.36 -8.07
C ASP B 6 -10.79 5.09 -7.73
N ALA B 7 -10.56 4.56 -6.53
CA ALA B 7 -11.12 3.26 -6.16
C ALA B 7 -12.30 3.48 -5.25
N GLY B 8 -12.80 4.71 -5.24
CA GLY B 8 -14.07 4.99 -4.59
C GLY B 8 -14.08 5.11 -3.09
N TYR B 9 -15.09 4.47 -2.52
CA TYR B 9 -15.58 4.74 -1.18
C TYR B 9 -15.50 3.56 -0.24
N GLY B 10 -14.36 2.88 -0.24
CA GLY B 10 -14.21 1.65 0.52
C GLY B 10 -13.79 1.91 1.95
N GLU B 11 -13.12 3.03 2.18
CA GLU B 11 -12.69 3.40 3.52
C GLU B 11 -13.74 4.26 4.21
N GLN B 12 -13.78 4.17 5.54
CA GLN B 12 -14.68 4.99 6.35
C GLN B 12 -14.12 6.40 6.48
N PRO B 13 -14.97 7.39 6.79
CA PRO B 13 -16.42 7.34 7.05
C PRO B 13 -17.24 7.36 5.76
N PHE B 14 -16.55 7.36 4.62
CA PHE B 14 -17.21 7.53 3.33
C PHE B 14 -18.06 6.32 2.97
N ARG B 15 -17.63 5.15 3.42
CA ARG B 15 -18.32 3.90 3.15
C ARG B 15 -19.76 3.94 3.66
N ASP B 16 -19.92 4.40 4.90
CA ASP B 16 -21.23 4.50 5.52
C ASP B 16 -22.04 5.65 4.93
N LEU B 17 -21.35 6.67 4.46
CA LEU B 17 -22.00 7.85 3.89
C LEU B 17 -22.68 7.49 2.58
N CYS B 18 -22.04 6.62 1.81
CA CYS B 18 -22.53 6.24 0.49
C CYS B 18 -23.51 5.07 0.56
N ALA B 19 -23.76 4.58 1.77
CA ALA B 19 -24.71 3.48 1.97
C ALA B 19 -25.99 4.01 2.60
N ASN B 20 -25.90 5.19 3.20
CA ASN B 20 -27.04 5.82 3.83
C ASN B 20 -27.21 7.26 3.36
N TYR B 21 -27.56 7.42 2.09
CA TYR B 21 -27.75 8.74 1.51
C TYR B 21 -29.24 9.07 1.40
N PRO B 22 -29.58 10.37 1.34
CA PRO B 22 -30.98 10.78 1.30
C PRO B 22 -31.62 10.64 -0.07
N GLY B 23 -32.90 10.32 -0.10
CA GLY B 23 -33.66 10.20 -1.33
C GLY B 23 -34.79 11.21 -1.39
N ALA B 24 -35.98 10.73 -1.75
CA ALA B 24 -37.13 11.60 -1.96
C ALA B 24 -37.62 12.26 -0.67
N GLU B 25 -37.13 11.80 0.48
CA GLU B 25 -37.57 12.34 1.75
C GLU B 25 -36.90 13.68 2.04
N ALA B 26 -35.81 13.96 1.33
CA ALA B 26 -35.05 15.20 1.51
C ALA B 26 -35.00 16.01 0.21
N TYR B 27 -34.83 15.31 -0.90
CA TYR B 27 -34.82 15.94 -2.23
C TYR B 27 -36.15 15.72 -2.92
N ASP B 28 -36.90 16.79 -3.17
CA ASP B 28 -38.19 16.66 -3.84
C ASP B 28 -37.97 15.99 -5.20
N PRO B 29 -38.70 14.91 -5.48
CA PRO B 29 -38.40 14.14 -6.70
C PRO B 29 -38.77 14.83 -8.02
N HIS B 30 -39.46 15.96 -7.96
CA HIS B 30 -39.77 16.72 -9.17
C HIS B 30 -38.72 17.81 -9.41
N ASP B 31 -38.34 18.51 -8.34
CA ASP B 31 -37.42 19.63 -8.46
C ASP B 31 -35.96 19.18 -8.43
N PHE B 32 -35.74 17.88 -8.25
CA PHE B 32 -34.40 17.29 -8.30
C PHE B 32 -34.43 16.04 -9.17
N ARG B 33 -33.36 15.83 -9.94
CA ARG B 33 -33.26 14.64 -10.77
C ARG B 33 -32.76 13.44 -9.96
N ILE B 34 -33.57 12.99 -9.00
CA ILE B 34 -33.14 11.89 -8.15
C ILE B 34 -33.23 10.54 -8.87
N GLU B 35 -33.77 10.56 -10.09
CA GLU B 35 -33.96 9.33 -10.86
C GLU B 35 -32.63 8.74 -11.30
N TRP B 36 -31.58 9.56 -11.32
CA TRP B 36 -30.26 9.12 -11.77
C TRP B 36 -29.37 8.67 -10.62
N GLY B 37 -29.85 8.83 -9.39
CA GLY B 37 -29.06 8.47 -8.23
C GLY B 37 -28.01 9.52 -7.93
N PRO B 38 -27.44 9.47 -6.71
CA PRO B 38 -26.49 10.48 -6.23
C PRO B 38 -25.08 10.36 -6.80
N ILE B 39 -24.47 11.51 -7.10
CA ILE B 39 -23.06 11.60 -7.45
C ILE B 39 -22.35 12.32 -6.32
N PHE B 40 -21.37 11.65 -5.72
CA PHE B 40 -20.87 12.05 -4.41
C PHE B 40 -19.73 13.07 -4.40
N HIS B 41 -18.73 12.87 -5.26
CA HIS B 41 -17.53 13.72 -5.19
C HIS B 41 -16.60 13.60 -6.41
N ARG B 42 -15.51 14.35 -6.34
CA ARG B 42 -14.37 14.18 -7.24
C ARG B 42 -13.07 14.66 -6.59
N GLY B 43 -12.13 13.76 -6.42
CA GLY B 43 -10.84 14.10 -5.88
C GLY B 43 -10.29 13.15 -4.88
N ARG B 44 -9.46 13.64 -3.99
CA ARG B 44 -8.76 12.81 -3.07
C ARG B 44 -9.49 12.69 -1.78
N LEU B 45 -9.57 11.47 -1.27
CA LEU B 45 -10.22 11.21 -0.02
C LEU B 45 -9.29 10.57 0.98
N ASP B 46 -8.01 10.55 0.67
CA ASP B 46 -6.99 9.94 1.51
C ASP B 46 -6.36 10.94 2.48
N GLY B 47 -6.72 12.20 2.32
CA GLY B 47 -6.25 13.26 3.21
C GLY B 47 -5.22 14.15 2.56
N SER B 48 -4.88 13.85 1.31
CA SER B 48 -3.88 14.62 0.58
C SER B 48 -4.47 15.84 -0.10
N ALA B 49 -5.78 16.03 0.01
CA ALA B 49 -6.43 17.18 -0.57
C ALA B 49 -6.00 18.44 0.16
N ARG B 50 -5.71 19.50 -0.60
CA ARG B 50 -5.27 20.77 -0.04
C ARG B 50 -6.34 21.83 -0.23
N VAL B 51 -7.12 21.67 -1.30
CA VAL B 51 -8.19 22.59 -1.63
C VAL B 51 -9.54 21.88 -1.73
N LEU B 52 -10.55 22.48 -1.12
CA LEU B 52 -11.91 22.00 -1.24
C LEU B 52 -12.67 22.86 -2.24
N ILE B 53 -13.29 22.22 -3.22
CA ILE B 53 -14.19 22.89 -4.15
C ILE B 53 -15.62 22.54 -3.79
N VAL B 54 -16.47 23.56 -3.65
CA VAL B 54 -17.90 23.34 -3.48
C VAL B 54 -18.63 23.77 -4.74
N GLY B 55 -19.14 22.79 -5.48
CA GLY B 55 -19.89 23.05 -6.70
C GLY B 55 -21.37 23.20 -6.41
N GLN B 56 -22.18 23.24 -7.47
CA GLN B 56 -23.61 23.42 -7.32
C GLN B 56 -24.38 22.11 -7.46
N ASP B 57 -24.50 21.61 -8.69
CA ASP B 57 -25.23 20.38 -8.95
C ASP B 57 -24.69 19.70 -10.20
N PRO B 58 -24.79 18.37 -10.27
CA PRO B 58 -24.22 17.60 -11.38
C PRO B 58 -25.03 17.69 -12.67
N ALA B 59 -24.41 17.34 -13.79
CA ALA B 59 -25.07 17.36 -15.10
C ALA B 59 -25.08 15.95 -15.71
N GLN B 60 -25.18 15.86 -17.03
CA GLN B 60 -25.33 14.55 -17.67
C GLN B 60 -24.00 13.81 -17.81
N HIS B 61 -22.90 14.55 -17.95
CA HIS B 61 -21.57 13.92 -18.00
C HIS B 61 -21.25 13.25 -16.67
N GLU B 62 -21.58 13.93 -15.57
CA GLU B 62 -21.33 13.42 -14.24
C GLU B 62 -22.19 12.18 -13.95
N THR B 63 -23.33 12.09 -14.61
CA THR B 63 -24.26 11.00 -14.40
C THR B 63 -23.74 9.67 -14.96
N ILE B 64 -22.79 9.76 -15.88
CA ILE B 64 -22.21 8.58 -16.50
C ILE B 64 -20.90 8.21 -15.81
N VAL B 65 -20.06 9.21 -15.59
CA VAL B 65 -18.77 9.02 -14.95
C VAL B 65 -18.92 8.70 -13.47
N ARG B 66 -19.97 9.24 -12.86
CA ARG B 66 -20.26 9.07 -11.44
C ARG B 66 -19.26 9.82 -10.55
N ARG B 67 -18.64 10.84 -11.12
CA ARG B 67 -17.90 11.83 -10.35
C ARG B 67 -18.37 13.21 -10.76
N ILE B 68 -18.30 14.18 -9.85
CA ILE B 68 -18.84 15.50 -10.12
C ILE B 68 -17.84 16.33 -10.91
N LEU B 69 -18.34 17.38 -11.57
CA LEU B 69 -17.50 18.34 -12.29
C LEU B 69 -16.52 17.67 -13.26
N VAL B 70 -17.07 16.93 -14.22
CA VAL B 70 -16.26 16.30 -15.27
C VAL B 70 -16.61 16.87 -16.64
N GLY B 71 -17.56 17.81 -16.66
CA GLY B 71 -17.96 18.47 -17.88
C GLY B 71 -17.15 19.72 -18.13
N THR B 72 -17.71 20.64 -18.92
CA THR B 72 -17.01 21.87 -19.28
C THR B 72 -16.70 22.70 -18.04
N ALA B 73 -17.63 22.72 -17.09
CA ALA B 73 -17.42 23.42 -15.83
C ALA B 73 -16.22 22.85 -15.10
N GLY B 74 -16.09 21.53 -15.14
CA GLY B 74 -15.01 20.84 -14.46
C GLY B 74 -13.66 21.15 -15.07
N ARG B 75 -13.60 21.23 -16.40
CA ARG B 75 -12.35 21.50 -17.09
C ARG B 75 -11.87 22.93 -16.89
N ARG B 76 -12.81 23.85 -16.69
CA ARG B 76 -12.47 25.23 -16.41
C ARG B 76 -11.97 25.35 -14.98
N THR B 77 -12.52 24.52 -14.10
CA THR B 77 -12.12 24.47 -12.71
C THR B 77 -10.73 23.86 -12.55
N GLN B 78 -10.43 22.85 -13.37
CA GLN B 78 -9.10 22.23 -13.35
C GLN B 78 -8.02 23.25 -13.67
N GLY B 79 -8.29 24.10 -14.65
CA GLY B 79 -7.35 25.13 -15.08
C GLY B 79 -7.19 26.21 -14.04
N PHE B 80 -8.25 26.44 -13.27
CA PHE B 80 -8.21 27.40 -12.18
C PHE B 80 -7.27 26.92 -11.09
N LEU B 81 -7.37 25.64 -10.75
CA LEU B 81 -6.50 25.01 -9.76
C LEU B 81 -5.07 24.90 -10.29
N ALA B 82 -4.94 24.66 -11.59
CA ALA B 82 -3.63 24.49 -12.20
C ALA B 82 -2.79 25.76 -12.06
N LYS B 83 -3.44 26.90 -11.92
CA LYS B 83 -2.75 28.18 -11.76
C LYS B 83 -2.19 28.33 -10.34
N LEU B 84 -2.75 27.58 -9.40
CA LEU B 84 -2.29 27.59 -8.02
C LEU B 84 -1.26 26.50 -7.76
N GLY B 85 -0.90 25.77 -8.82
CA GLY B 85 0.04 24.67 -8.69
C GLY B 85 -0.62 23.37 -8.30
N ILE B 86 -1.95 23.39 -8.18
CA ILE B 86 -2.71 22.20 -7.83
C ILE B 86 -3.03 21.38 -9.05
N VAL B 87 -2.50 20.16 -9.09
CA VAL B 87 -2.67 19.27 -10.22
C VAL B 87 -3.52 18.06 -9.83
N GLN B 88 -3.39 17.61 -8.59
CA GLN B 88 -4.14 16.45 -8.12
C GLN B 88 -4.61 16.57 -6.67
N SER B 89 -4.02 17.49 -5.91
CA SER B 89 -4.32 17.60 -4.48
C SER B 89 -5.55 18.45 -4.23
N TYR B 90 -6.73 17.88 -4.50
CA TYR B 90 -8.00 18.58 -4.29
C TYR B 90 -9.11 17.60 -4.00
N VAL B 91 -10.22 18.11 -3.49
CA VAL B 91 -11.44 17.32 -3.31
C VAL B 91 -12.62 18.23 -3.63
N MET B 92 -13.58 17.70 -4.38
CA MET B 92 -14.73 18.49 -4.79
C MET B 92 -16.03 17.85 -4.33
N VAL B 93 -16.96 18.70 -3.87
CA VAL B 93 -18.27 18.28 -3.43
C VAL B 93 -19.32 19.24 -3.98
N ASN B 94 -20.50 18.74 -4.27
CA ASN B 94 -21.57 19.57 -4.82
C ASN B 94 -22.53 20.00 -3.71
N THR B 95 -23.18 21.14 -3.93
CA THR B 95 -24.17 21.64 -2.98
C THR B 95 -25.32 20.64 -2.88
N PHE B 96 -25.66 20.02 -4.01
CA PHE B 96 -26.72 19.03 -4.07
C PHE B 96 -26.18 17.70 -4.58
N LEU B 97 -26.72 16.60 -4.10
CA LEU B 97 -26.27 15.32 -4.57
C LEU B 97 -26.80 15.06 -5.93
N TYR B 98 -27.88 15.72 -6.27
CA TYR B 98 -28.56 15.45 -7.50
C TYR B 98 -28.61 16.69 -8.27
N SER B 99 -29.03 16.60 -9.52
CA SER B 99 -29.13 17.77 -10.39
C SER B 99 -30.56 18.28 -10.44
N VAL B 100 -30.77 19.53 -10.02
CA VAL B 100 -32.08 20.14 -10.02
C VAL B 100 -32.72 20.04 -11.40
N TYR B 101 -34.03 19.96 -11.41
CA TYR B 101 -34.72 19.85 -12.62
C TYR B 101 -35.25 21.18 -12.96
N GLY B 102 -34.66 21.79 -13.99
CA GLY B 102 -35.07 23.10 -14.43
C GLY B 102 -33.91 24.08 -14.47
N GLN B 103 -33.99 25.15 -13.65
CA GLN B 103 -35.10 25.40 -12.74
C GLN B 103 -34.86 26.67 -11.92
N SER B 104 -35.92 27.38 -11.55
CA SER B 104 -37.30 27.01 -11.89
C SER B 104 -37.73 25.72 -11.17
N GLY B 105 -37.61 25.68 -9.85
CA GLY B 105 -37.06 26.78 -9.05
C GLY B 105 -35.55 26.68 -8.94
N GLY B 106 -35.07 25.60 -8.36
CA GLY B 106 -33.65 25.36 -8.24
C GLY B 106 -33.09 25.70 -6.88
N SER B 107 -33.81 26.51 -6.10
CA SER B 107 -33.34 26.92 -4.79
C SER B 107 -34.48 26.92 -3.78
N LYS B 108 -35.59 26.29 -4.15
CA LYS B 108 -36.74 26.23 -3.29
C LYS B 108 -36.35 25.53 -2.02
N HIS B 109 -35.29 24.75 -2.07
CA HIS B 109 -35.07 23.74 -1.08
C HIS B 109 -33.70 23.82 -0.46
N LYS B 110 -32.98 24.88 -0.73
CA LYS B 110 -31.64 25.03 -0.23
C LYS B 110 -31.45 24.93 1.26
N ASN B 111 -32.52 24.91 2.01
CA ASN B 111 -32.40 24.98 3.45
C ASN B 111 -33.08 23.82 4.10
N GLU B 112 -33.43 22.83 3.31
CA GLU B 112 -34.04 21.60 3.80
C GLU B 112 -33.06 20.80 4.66
N PRO B 113 -33.43 20.51 5.91
CA PRO B 113 -32.52 19.80 6.84
C PRO B 113 -31.98 18.49 6.27
N GLY B 114 -32.82 17.73 5.58
CA GLY B 114 -32.39 16.46 5.02
C GLY B 114 -31.29 16.61 4.00
N ILE B 115 -31.16 17.82 3.44
CA ILE B 115 -30.14 18.09 2.42
C ILE B 115 -28.87 18.63 3.05
N VAL B 116 -29.00 19.63 3.92
CA VAL B 116 -27.84 20.29 4.51
C VAL B 116 -27.13 19.42 5.53
N ASP B 117 -27.89 18.68 6.33
CA ASP B 117 -27.32 17.81 7.35
C ASP B 117 -26.40 16.77 6.69
N TYR B 118 -26.84 16.21 5.58
CA TYR B 118 -26.05 15.21 4.89
C TYR B 118 -24.82 15.82 4.22
N ARG B 119 -24.95 17.04 3.72
CA ARG B 119 -23.83 17.71 3.07
C ARG B 119 -22.78 18.10 4.10
N ASN B 120 -23.23 18.51 5.28
CA ASN B 120 -22.34 18.88 6.37
C ASN B 120 -21.49 17.69 6.80
N LYS B 121 -22.05 16.50 6.71
CA LYS B 121 -21.33 15.29 7.04
C LYS B 121 -20.16 15.06 6.08
N TRP B 122 -20.37 15.42 4.81
CA TRP B 122 -19.32 15.29 3.82
C TRP B 122 -18.27 16.38 4.00
N PHE B 123 -18.70 17.54 4.47
CA PHE B 123 -17.78 18.64 4.78
C PHE B 123 -16.88 18.26 5.94
N LYS B 124 -17.51 17.76 7.01
CA LYS B 124 -16.80 17.37 8.22
C LYS B 124 -15.77 16.29 7.92
N ALA B 125 -16.11 15.38 7.02
CA ALA B 125 -15.26 14.25 6.70
C ALA B 125 -14.02 14.66 5.91
N VAL B 126 -14.20 15.47 4.88
CA VAL B 126 -13.09 15.89 4.03
C VAL B 126 -12.18 16.87 4.76
N LEU B 127 -12.74 17.60 5.71
CA LEU B 127 -11.99 18.61 6.46
C LEU B 127 -11.30 18.05 7.71
N GLY B 128 -11.74 16.88 8.14
CA GLY B 128 -11.27 16.27 9.38
C GLY B 128 -9.77 16.20 9.55
N PRO B 129 -9.08 15.70 8.53
CA PRO B 129 -7.62 15.55 8.56
C PRO B 129 -6.87 16.86 8.77
N GLY B 130 -7.57 17.99 8.61
CA GLY B 130 -6.98 19.29 8.83
C GLY B 130 -5.96 19.67 7.77
N ASN B 131 -6.07 19.06 6.59
CA ASN B 131 -5.10 19.28 5.52
C ASN B 131 -5.55 20.30 4.47
N ILE B 132 -6.83 20.66 4.49
CA ILE B 132 -7.36 21.65 3.55
C ILE B 132 -6.92 23.05 3.98
N GLU B 133 -6.37 23.82 3.04
CA GLU B 133 -5.88 25.17 3.35
C GLU B 133 -6.63 26.26 2.59
N ALA B 134 -7.53 25.88 1.69
CA ALA B 134 -8.32 26.85 0.95
C ALA B 134 -9.62 26.23 0.44
N VAL B 135 -10.69 27.00 0.49
CA VAL B 135 -12.00 26.55 0.02
C VAL B 135 -12.53 27.50 -1.03
N VAL B 136 -12.99 26.94 -2.15
CA VAL B 136 -13.57 27.74 -3.23
C VAL B 136 -14.97 27.26 -3.56
N SER B 137 -15.94 28.16 -3.48
CA SER B 137 -17.33 27.84 -3.84
C SER B 137 -17.64 28.32 -5.24
N LEU B 138 -18.42 27.52 -5.97
CA LEU B 138 -18.83 27.87 -7.33
C LEU B 138 -20.30 28.26 -7.35
N GLY B 139 -20.58 29.53 -7.61
CA GLY B 139 -21.94 30.01 -7.66
C GLY B 139 -22.43 30.51 -6.32
N GLY B 140 -23.65 31.05 -6.31
CA GLY B 140 -24.21 31.65 -5.12
C GLY B 140 -24.79 30.65 -4.15
N LEU B 141 -25.23 29.49 -4.65
CA LEU B 141 -25.80 28.46 -3.79
C LEU B 141 -24.72 27.69 -3.07
N ALA B 142 -23.58 27.51 -3.73
CA ALA B 142 -22.43 26.86 -3.11
C ALA B 142 -21.88 27.77 -2.02
N ASP B 143 -21.94 29.08 -2.27
CA ASP B 143 -21.49 30.07 -1.30
C ASP B 143 -22.33 30.01 -0.02
N GLU B 144 -23.64 29.91 -0.17
CA GLU B 144 -24.53 29.85 0.97
C GLU B 144 -24.39 28.51 1.69
N ALA B 145 -23.97 27.49 0.95
CA ALA B 145 -23.79 26.16 1.52
C ALA B 145 -22.62 26.15 2.50
N TRP B 146 -21.53 26.82 2.12
CA TRP B 146 -20.35 26.92 2.97
C TRP B 146 -20.66 27.75 4.20
N LYS B 147 -21.49 28.77 4.01
CA LYS B 147 -21.83 29.68 5.10
C LYS B 147 -22.75 28.99 6.10
N ALA B 148 -23.57 28.07 5.61
CA ALA B 148 -24.47 27.32 6.47
C ALA B 148 -23.69 26.28 7.27
N TRP B 149 -22.55 25.87 6.73
CA TRP B 149 -21.67 24.93 7.41
C TRP B 149 -20.95 25.64 8.55
N LEU B 150 -20.53 26.87 8.32
CA LEU B 150 -19.82 27.65 9.34
C LEU B 150 -20.73 28.04 10.50
N LYS B 151 -22.04 27.97 10.30
CA LYS B 151 -23.00 28.33 11.35
C LYS B 151 -23.38 27.13 12.20
N SER B 152 -22.86 25.96 11.83
CA SER B 152 -23.11 24.76 12.61
C SER B 152 -22.04 24.60 13.67
N SER B 153 -22.29 23.76 14.67
CA SER B 153 -21.37 23.57 15.77
C SER B 153 -20.04 23.01 15.27
N ASP B 154 -20.12 21.96 14.46
CA ASP B 154 -18.93 21.28 13.98
C ASP B 154 -18.14 22.11 12.96
N GLY B 155 -18.82 23.07 12.34
CA GLY B 155 -18.22 23.84 11.26
C GLY B 155 -17.74 25.22 11.70
N ALA B 156 -18.13 25.63 12.90
CA ALA B 156 -17.73 26.93 13.43
C ALA B 156 -16.22 27.07 13.49
N ALA B 157 -15.53 25.94 13.50
CA ALA B 157 -14.07 25.93 13.63
C ALA B 157 -13.37 26.16 12.31
N TYR B 158 -14.12 26.59 11.29
CA TYR B 158 -13.57 26.79 9.95
C TYR B 158 -13.89 28.19 9.43
N LYS B 159 -14.33 29.06 10.32
CA LYS B 159 -14.56 30.47 9.98
C LYS B 159 -13.25 31.15 9.63
N THR B 160 -12.14 30.58 10.09
CA THR B 160 -10.81 31.17 9.92
C THR B 160 -10.17 30.71 8.61
N LEU B 161 -10.69 29.63 8.04
CA LEU B 161 -10.11 29.02 6.85
C LEU B 161 -10.28 29.91 5.62
N ALA B 162 -9.18 30.10 4.88
CA ALA B 162 -9.19 30.91 3.67
C ALA B 162 -10.30 30.46 2.74
N TYR B 163 -11.11 31.40 2.28
CA TYR B 163 -12.29 31.07 1.49
C TYR B 163 -12.60 32.10 0.42
N GLN B 164 -12.95 31.62 -0.76
CA GLN B 164 -13.33 32.47 -1.89
C GLN B 164 -14.53 31.97 -2.65
N HIS B 165 -15.52 32.85 -2.78
CA HIS B 165 -16.67 32.61 -3.63
C HIS B 165 -16.41 33.20 -5.00
N ILE B 166 -16.32 32.33 -6.01
CA ILE B 166 -16.15 32.77 -7.38
C ILE B 166 -17.42 32.47 -8.16
N THR B 167 -17.53 33.01 -9.36
CA THR B 167 -18.70 32.79 -10.20
C THR B 167 -18.70 31.37 -10.73
N HIS B 168 -19.88 30.77 -10.84
CA HIS B 168 -20.01 29.42 -11.35
C HIS B 168 -19.45 29.35 -12.76
N PRO B 169 -18.51 28.42 -13.03
CA PRO B 169 -17.80 28.37 -14.31
C PRO B 169 -18.65 28.43 -15.58
N THR B 170 -19.88 27.94 -15.53
CA THR B 170 -20.72 27.87 -16.72
C THR B 170 -21.79 28.99 -16.73
N TRP B 171 -21.50 30.08 -16.04
CA TRP B 171 -22.43 31.20 -15.93
C TRP B 171 -22.62 32.01 -17.23
N PRO B 172 -21.51 32.32 -17.95
CA PRO B 172 -21.62 33.11 -19.18
C PRO B 172 -22.59 32.50 -20.19
N GLU B 173 -22.44 31.20 -20.44
CA GLU B 173 -23.28 30.50 -21.39
C GLU B 173 -24.67 30.24 -20.80
N SER B 174 -24.81 30.51 -19.52
CA SER B 174 -26.07 30.33 -18.81
C SER B 174 -26.87 31.63 -18.83
N SER B 175 -26.17 32.75 -19.03
CA SER B 175 -26.79 34.07 -18.95
C SER B 175 -27.30 34.58 -20.29
N ALA B 176 -26.76 34.08 -21.39
CA ALA B 176 -27.13 34.57 -22.71
C ALA B 176 -26.73 33.57 -23.80
N HIS B 177 -27.30 33.74 -25.00
CA HIS B 177 -27.02 32.81 -26.10
C HIS B 177 -26.14 33.42 -27.18
N ASP B 178 -26.22 34.73 -27.36
CA ASP B 178 -25.38 35.42 -28.33
C ASP B 178 -23.92 35.40 -27.91
N SER B 179 -23.06 35.02 -28.84
CA SER B 179 -21.63 34.88 -28.58
C SER B 179 -21.03 36.20 -28.11
N ALA B 180 -21.68 37.30 -28.42
CA ALA B 180 -21.17 38.61 -28.05
C ALA B 180 -21.33 38.86 -26.55
N THR B 181 -22.52 38.61 -26.03
CA THR B 181 -22.77 38.76 -24.60
C THR B 181 -22.00 37.71 -23.81
N GLN B 182 -21.85 36.52 -24.40
CA GLN B 182 -21.10 35.45 -23.78
C GLN B 182 -19.64 35.83 -23.58
N ALA B 183 -19.05 36.46 -24.59
CA ALA B 183 -17.67 36.89 -24.52
C ALA B 183 -17.51 38.04 -23.53
N ALA B 184 -18.54 38.87 -23.44
CA ALA B 184 -18.51 40.02 -22.53
C ALA B 184 -18.64 39.55 -21.09
N ASN B 185 -19.55 38.62 -20.84
CA ASN B 185 -19.77 38.09 -19.50
C ASN B 185 -18.56 37.28 -19.03
N THR B 186 -17.90 36.61 -19.99
CA THR B 186 -16.73 35.82 -19.69
C THR B 186 -15.62 36.72 -19.18
N LYS B 187 -15.48 37.88 -19.79
CA LYS B 187 -14.46 38.84 -19.40
C LYS B 187 -14.69 39.31 -17.97
N ILE B 188 -15.96 39.43 -17.58
CA ILE B 188 -16.30 39.83 -16.23
C ILE B 188 -15.95 38.71 -15.25
N MET B 189 -16.22 37.47 -15.66
CA MET B 189 -15.93 36.32 -14.81
C MET B 189 -14.44 36.17 -14.58
N LEU B 190 -13.67 36.18 -15.66
CA LEU B 190 -12.23 36.00 -15.57
C LEU B 190 -11.59 37.09 -14.72
N ALA B 191 -12.23 38.25 -14.67
CA ALA B 191 -11.74 39.35 -13.85
C ALA B 191 -11.98 39.02 -12.38
N LYS B 192 -13.12 38.42 -12.09
CA LYS B 192 -13.44 38.03 -10.73
C LYS B 192 -12.62 36.82 -10.31
N TRP B 193 -12.34 35.93 -11.27
CA TRP B 193 -11.53 34.76 -10.98
C TRP B 193 -10.10 35.16 -10.66
N ASN B 194 -9.59 36.15 -11.39
CA ASN B 194 -8.24 36.67 -11.15
C ASN B 194 -8.14 37.30 -9.76
N ALA B 195 -9.24 37.90 -9.31
CA ALA B 195 -9.29 38.53 -8.00
C ALA B 195 -9.20 37.49 -6.90
N ALA B 196 -9.81 36.33 -7.13
CA ALA B 196 -9.80 35.25 -6.16
C ALA B 196 -8.44 34.56 -6.12
N LEU B 197 -7.81 34.42 -7.28
CA LEU B 197 -6.49 33.80 -7.36
C LEU B 197 -5.44 34.64 -6.64
N ALA B 198 -5.62 35.95 -6.65
CA ALA B 198 -4.67 36.84 -6.00
C ALA B 198 -4.77 36.66 -4.49
N ALA B 199 -5.98 36.36 -4.02
CA ALA B 199 -6.23 36.18 -2.60
C ALA B 199 -5.86 34.80 -2.09
N LEU B 200 -5.81 33.82 -3.00
CA LEU B 200 -5.61 32.42 -2.61
C LEU B 200 -4.17 31.94 -2.81
N ALA B 201 -3.44 32.58 -3.71
CA ALA B 201 -2.08 32.15 -4.02
C ALA B 201 -1.18 32.07 -2.78
N PRO B 202 -1.28 33.06 -1.87
CA PRO B 202 -0.43 32.94 -0.68
C PRO B 202 -0.95 31.93 0.33
N GLU B 203 -2.21 31.51 0.20
CA GLU B 203 -2.80 30.55 1.12
C GLU B 203 -2.51 29.12 0.71
N VAL B 204 -2.33 28.89 -0.59
CA VAL B 204 -2.00 27.58 -1.10
C VAL B 204 -0.49 27.37 -1.00
N LYS B 205 -0.06 26.87 0.16
CA LYS B 205 1.38 26.75 0.44
C LYS B 205 1.91 25.36 0.13
N HIS B 206 1.03 24.44 -0.28
CA HIS B 206 1.44 23.08 -0.59
C HIS B 206 0.96 22.64 -1.98
N PRO B 207 1.47 23.30 -3.03
CA PRO B 207 1.11 22.90 -4.39
C PRO B 207 1.87 21.65 -4.84
N ASP B 208 1.24 20.86 -5.71
CA ASP B 208 1.89 19.70 -6.30
C ASP B 208 3.03 20.15 -7.21
N VAL B 209 2.93 21.39 -7.70
CA VAL B 209 3.96 21.97 -8.54
C VAL B 209 4.10 23.45 -8.20
N PRO B 210 5.28 23.86 -7.70
CA PRO B 210 5.44 25.30 -7.45
C PRO B 210 5.26 26.08 -8.75
N THR B 211 4.36 27.05 -8.73
CA THR B 211 3.95 27.73 -9.95
C THR B 211 3.68 29.21 -9.69
N THR B 212 4.30 30.06 -10.51
CA THR B 212 4.05 31.48 -10.44
C THR B 212 2.70 31.81 -11.08
N LEU B 213 1.92 32.61 -10.38
CA LEU B 213 0.56 32.92 -10.81
C LEU B 213 0.54 33.65 -12.15
N VAL B 214 -0.27 33.13 -13.07
CA VAL B 214 -0.50 33.78 -14.36
C VAL B 214 -1.99 34.12 -14.46
N PRO B 215 -2.32 35.42 -14.42
CA PRO B 215 -3.75 35.77 -14.43
C PRO B 215 -4.39 35.53 -15.79
N TYR B 216 -5.71 35.40 -15.82
CA TYR B 216 -6.45 35.22 -17.07
C TYR B 216 -6.43 36.47 -17.93
N GLY B 217 -6.64 36.29 -19.22
CA GLY B 217 -6.85 37.39 -20.14
C GLY B 217 -8.32 37.74 -20.19
N ASP B 218 -8.79 38.17 -21.35
CA ASP B 218 -10.20 38.51 -21.54
C ASP B 218 -11.04 37.27 -21.86
N ALA B 219 -10.37 36.23 -22.36
CA ALA B 219 -11.04 34.98 -22.71
C ALA B 219 -10.22 33.78 -22.26
N PHE B 220 -10.86 32.62 -22.18
CA PHE B 220 -10.16 31.38 -21.84
C PHE B 220 -9.15 31.03 -22.93
N LYS B 221 -7.95 30.64 -22.51
CA LYS B 221 -6.96 30.09 -23.42
C LYS B 221 -7.03 28.56 -23.37
N PRO B 222 -6.63 27.88 -24.46
CA PRO B 222 -6.69 26.42 -24.47
C PRO B 222 -5.93 25.76 -23.32
N SER B 223 -4.88 26.41 -22.85
CA SER B 223 -4.04 25.84 -21.79
C SER B 223 -4.68 26.02 -20.43
N GLU B 224 -5.65 26.91 -20.33
CA GLU B 224 -6.37 27.14 -19.09
C GLU B 224 -7.61 26.25 -19.01
N LEU B 225 -7.73 25.37 -20.01
CA LEU B 225 -8.73 24.31 -20.00
C LEU B 225 -8.02 22.97 -19.87
N VAL B 226 -8.09 22.38 -18.69
CA VAL B 226 -7.30 21.20 -18.37
C VAL B 226 -8.20 19.97 -18.23
N ASP B 227 -7.85 18.90 -18.93
CA ASP B 227 -8.61 17.66 -18.88
C ASP B 227 -8.56 17.05 -17.50
N ILE B 228 -9.66 16.45 -17.07
CA ILE B 228 -9.69 15.73 -15.80
C ILE B 228 -8.70 14.59 -15.84
N ILE B 229 -8.03 14.34 -14.73
CA ILE B 229 -6.97 13.34 -14.65
C ILE B 229 -7.51 11.93 -14.42
N ALA B 230 -6.76 10.94 -14.89
CA ALA B 230 -7.18 9.54 -14.83
C ALA B 230 -7.47 9.08 -13.41
N LYS B 231 -6.66 9.57 -12.47
CA LYS B 231 -6.79 9.18 -11.07
C LYS B 231 -8.13 9.58 -10.46
N ASP B 232 -8.85 10.47 -11.12
CA ASP B 232 -10.13 10.96 -10.62
C ASP B 232 -11.30 10.07 -11.05
N LEU B 233 -11.07 9.24 -12.06
CA LEU B 233 -12.11 8.41 -12.66
C LEU B 233 -12.09 6.98 -12.15
N PRO B 234 -13.28 6.34 -12.06
CA PRO B 234 -13.36 4.92 -11.71
C PRO B 234 -12.55 4.01 -12.62
N ALA B 235 -12.33 2.78 -12.17
CA ALA B 235 -11.52 1.82 -12.90
C ALA B 235 -12.17 1.41 -14.22
N GLY B 236 -11.44 1.59 -15.30
CA GLY B 236 -11.86 1.10 -16.61
C GLY B 236 -12.43 2.15 -17.55
N LEU B 237 -12.78 3.33 -17.05
CA LEU B 237 -13.36 4.35 -17.92
C LEU B 237 -12.33 4.80 -18.96
N PRO B 238 -12.73 4.84 -20.24
CA PRO B 238 -11.78 5.18 -21.30
C PRO B 238 -11.35 6.64 -21.28
N ALA B 239 -10.22 6.93 -21.90
CA ALA B 239 -9.59 8.24 -21.81
C ALA B 239 -10.45 9.37 -22.39
N TRP B 240 -11.30 9.06 -23.36
CA TRP B 240 -12.10 10.11 -24.01
C TRP B 240 -13.20 10.62 -23.09
N MET B 241 -13.52 9.88 -22.04
CA MET B 241 -14.49 10.35 -21.05
C MET B 241 -13.90 11.46 -20.21
N ARG B 242 -12.59 11.63 -20.28
CA ARG B 242 -11.91 12.72 -19.59
C ARG B 242 -11.13 13.54 -20.61
N GLY B 243 -11.72 13.70 -21.79
CA GLY B 243 -11.12 14.48 -22.86
C GLY B 243 -11.75 15.86 -22.95
N ASP B 244 -11.45 16.57 -24.04
CA ASP B 244 -11.89 17.96 -24.20
C ASP B 244 -13.19 18.09 -24.98
N THR B 245 -13.67 16.98 -25.55
CA THR B 245 -14.84 17.01 -26.41
C THR B 245 -16.06 16.48 -25.67
N PRO B 246 -17.18 17.24 -25.69
CA PRO B 246 -18.41 16.73 -25.10
C PRO B 246 -18.86 15.41 -25.73
N TRP B 247 -19.55 14.58 -24.96
CA TRP B 247 -19.97 13.27 -25.43
C TRP B 247 -21.27 12.80 -24.79
N ALA B 248 -21.90 13.66 -24.00
CA ALA B 248 -23.15 13.31 -23.34
C ALA B 248 -24.16 14.47 -23.36
N VAL B 249 -25.40 14.16 -23.69
CA VAL B 249 -26.49 15.15 -23.73
C VAL B 249 -27.82 14.52 -23.42
N ARG B 250 -28.74 15.29 -22.83
CA ARG B 250 -30.11 14.83 -22.64
C ARG B 250 -30.91 15.16 -23.91
N GLN B 251 -31.67 14.18 -24.40
CA GLN B 251 -32.37 14.32 -25.68
C GLN B 251 -33.73 13.63 -25.64
N GLY B 252 -34.78 14.34 -26.08
CA GLY B 252 -36.12 13.79 -26.10
C GLY B 252 -37.10 14.65 -26.89
N VAL B 253 -38.18 14.02 -27.34
CA VAL B 253 -39.17 14.68 -28.20
C VAL B 253 -39.99 15.71 -27.42
N ASP B 254 -40.19 15.45 -26.13
CA ASP B 254 -40.83 16.41 -25.24
C ASP B 254 -40.07 16.48 -23.92
N ALA B 255 -40.62 17.23 -22.97
CA ALA B 255 -39.95 17.45 -21.69
C ALA B 255 -39.83 16.14 -20.91
N ALA B 256 -40.88 15.32 -20.97
CA ALA B 256 -40.93 14.07 -20.24
C ALA B 256 -39.93 13.05 -20.78
N ALA B 257 -39.75 13.05 -22.10
CA ALA B 257 -38.84 12.10 -22.74
C ALA B 257 -37.41 12.53 -22.57
N LYS B 258 -37.18 13.85 -22.56
CA LYS B 258 -35.85 14.41 -22.42
C LYS B 258 -35.29 14.13 -21.03
N ARG B 259 -36.17 14.11 -20.04
CA ARG B 259 -35.76 13.87 -18.66
C ARG B 259 -35.36 12.42 -18.46
N ARG B 260 -35.93 11.54 -19.26
CA ARG B 260 -35.76 10.11 -19.09
C ARG B 260 -34.59 9.55 -19.89
N THR B 261 -33.91 10.38 -20.66
CA THR B 261 -32.91 9.89 -21.62
C THR B 261 -31.59 10.65 -21.59
N ILE B 262 -30.51 9.90 -21.70
CA ILE B 262 -29.17 10.46 -21.93
C ILE B 262 -28.51 9.78 -23.13
N MET B 263 -27.90 10.60 -23.97
CA MET B 263 -27.20 10.15 -25.18
C MET B 263 -25.70 10.20 -24.99
N ILE B 264 -25.03 9.05 -25.17
CA ILE B 264 -23.57 9.00 -25.08
C ILE B 264 -23.01 8.78 -26.48
N THR B 265 -22.10 9.66 -26.90
CA THR B 265 -21.49 9.56 -28.21
C THR B 265 -19.98 9.67 -28.14
N ILE B 266 -19.30 8.61 -28.55
CA ILE B 266 -17.84 8.58 -28.57
C ILE B 266 -17.32 9.63 -29.55
N PRO B 267 -16.38 10.48 -29.11
CA PRO B 267 -15.81 11.46 -30.04
C PRO B 267 -15.17 10.80 -31.27
N ASP B 268 -15.12 11.53 -32.37
CA ASP B 268 -14.50 11.03 -33.59
C ASP B 268 -13.00 10.85 -33.39
N GLY B 269 -12.46 9.76 -33.92
CA GLY B 269 -11.03 9.52 -33.87
C GLY B 269 -10.62 8.42 -32.89
N VAL B 270 -11.51 8.08 -31.98
CA VAL B 270 -11.22 7.04 -31.00
C VAL B 270 -11.18 5.69 -31.70
N ILE B 271 -12.28 5.37 -32.39
CA ILE B 271 -12.38 4.13 -33.13
C ILE B 271 -11.63 4.28 -34.45
N PRO B 272 -10.76 3.31 -34.79
CA PRO B 272 -9.93 3.44 -36.00
C PRO B 272 -10.77 3.56 -37.27
N MET C 1 32.56 6.55 -2.74
CA MET C 1 32.02 6.44 -1.36
C MET C 1 30.74 5.61 -1.30
N LEU C 2 30.37 4.99 -2.40
CA LEU C 2 29.10 4.27 -2.42
C LEU C 2 29.22 2.94 -1.70
N THR C 3 28.35 2.75 -0.71
CA THR C 3 28.22 1.48 -0.01
C THR C 3 26.75 1.06 -0.04
N GLU C 4 26.48 -0.06 -0.70
CA GLU C 4 25.11 -0.54 -0.84
C GLU C 4 24.63 -1.25 0.41
N PHE C 5 23.33 -1.47 0.50
CA PHE C 5 22.72 -2.11 1.64
C PHE C 5 21.40 -2.77 1.29
N ASP C 6 20.92 -3.62 2.19
CA ASP C 6 19.63 -4.24 2.04
C ASP C 6 18.67 -3.31 2.78
N ALA C 7 17.56 -2.98 2.13
CA ALA C 7 16.65 -1.98 2.66
C ALA C 7 15.47 -2.66 3.28
N GLY C 8 15.66 -3.94 3.59
CA GLY C 8 14.69 -4.68 4.37
C GLY C 8 13.47 -5.19 3.64
N TYR C 9 12.35 -5.01 4.30
CA TYR C 9 11.12 -5.74 4.04
C TYR C 9 9.94 -4.83 3.78
N GLY C 10 10.14 -3.85 2.92
CA GLY C 10 9.13 -2.82 2.70
C GLY C 10 8.10 -3.22 1.67
N GLU C 11 8.48 -4.09 0.74
CA GLU C 11 7.56 -4.57 -0.27
C GLU C 11 6.83 -5.83 0.16
N GLN C 12 5.62 -6.01 -0.36
CA GLN C 12 4.83 -7.21 -0.11
C GLN C 12 5.32 -8.35 -0.99
N PRO C 13 5.04 -9.60 -0.58
CA PRO C 13 4.27 -10.02 0.59
C PRO C 13 5.08 -10.04 1.88
N PHE C 14 6.33 -9.60 1.79
CA PHE C 14 7.25 -9.68 2.91
C PHE C 14 6.90 -8.74 4.06
N ARG C 15 6.32 -7.60 3.71
CA ARG C 15 5.96 -6.61 4.72
C ARG C 15 4.97 -7.22 5.71
N ASP C 16 3.98 -7.93 5.18
CA ASP C 16 2.96 -8.58 6.01
C ASP C 16 3.54 -9.79 6.75
N LEU C 17 4.54 -10.43 6.15
CA LEU C 17 5.16 -11.59 6.76
C LEU C 17 5.96 -11.20 8.00
N CYS C 18 6.62 -10.05 7.91
CA CYS C 18 7.49 -9.58 8.98
C CYS C 18 6.72 -8.83 10.06
N ALA C 19 5.41 -8.70 9.86
CA ALA C 19 4.55 -8.05 10.83
C ALA C 19 3.64 -9.08 11.48
N ASN C 20 3.58 -10.27 10.89
CA ASN C 20 2.78 -11.37 11.43
C ASN C 20 3.58 -12.66 11.52
N TYR C 21 4.57 -12.68 12.40
CA TYR C 21 5.42 -13.85 12.59
C TYR C 21 5.06 -14.59 13.88
N PRO C 22 5.41 -15.88 13.95
CA PRO C 22 5.07 -16.69 15.12
C PRO C 22 6.00 -16.49 16.31
N GLY C 23 5.43 -16.57 17.51
CA GLY C 23 6.20 -16.44 18.74
C GLY C 23 6.12 -17.68 19.61
N ALA C 24 5.82 -17.48 20.89
CA ALA C 24 5.83 -18.56 21.86
C ALA C 24 4.73 -19.60 21.63
N GLU C 25 3.77 -19.28 20.76
CA GLU C 25 2.66 -20.19 20.51
C GLU C 25 3.06 -21.32 19.55
N ALA C 26 4.16 -21.12 18.85
CA ALA C 26 4.66 -22.10 17.88
C ALA C 26 6.06 -22.58 18.24
N TYR C 27 6.88 -21.65 18.71
CA TYR C 27 8.25 -21.95 19.15
C TYR C 27 8.31 -22.00 20.67
N ASP C 28 8.61 -23.18 21.22
CA ASP C 28 8.70 -23.34 22.67
C ASP C 28 9.72 -22.38 23.28
N PRO C 29 9.32 -21.62 24.31
CA PRO C 29 10.22 -20.58 24.83
C PRO C 29 11.42 -21.14 25.60
N HIS C 30 11.44 -22.44 25.87
CA HIS C 30 12.57 -23.08 26.52
C HIS C 30 13.54 -23.65 25.49
N ASP C 31 12.99 -24.34 24.50
CA ASP C 31 13.80 -25.03 23.50
C ASP C 31 14.16 -24.13 22.32
N PHE C 32 13.65 -22.90 22.33
CA PHE C 32 13.98 -21.91 21.30
C PHE C 32 14.32 -20.56 21.92
N ARG C 33 15.30 -19.87 21.33
CA ARG C 33 15.69 -18.55 21.82
C ARG C 33 14.81 -17.47 21.19
N ILE C 34 13.55 -17.44 21.59
CA ILE C 34 12.59 -16.47 21.06
C ILE C 34 12.75 -15.12 21.74
N GLU C 35 13.64 -15.05 22.72
CA GLU C 35 13.88 -13.81 23.44
C GLU C 35 14.60 -12.77 22.59
N TRP C 36 15.28 -13.23 21.53
CA TRP C 36 16.04 -12.32 20.67
C TRP C 36 15.25 -11.86 19.45
N GLY C 37 14.06 -12.42 19.26
CA GLY C 37 13.24 -12.07 18.11
C GLY C 37 13.72 -12.77 16.85
N PRO C 38 12.88 -12.77 15.80
CA PRO C 38 13.14 -13.49 14.55
C PRO C 38 14.14 -12.82 13.61
N ILE C 39 14.99 -13.63 12.99
CA ILE C 39 15.87 -13.20 11.91
C ILE C 39 15.39 -13.90 10.64
N PHE C 40 15.02 -13.12 9.63
CA PHE C 40 14.20 -13.64 8.54
C PHE C 40 14.95 -14.24 7.36
N HIS C 41 16.01 -13.57 6.89
CA HIS C 41 16.67 -14.00 5.67
C HIS C 41 18.02 -13.32 5.46
N ARG C 42 18.67 -13.68 4.36
CA ARG C 42 19.83 -12.92 3.86
C ARG C 42 19.92 -13.11 2.36
N GLY C 43 19.81 -12.01 1.62
CA GLY C 43 19.96 -12.05 0.17
C GLY C 43 18.90 -11.21 -0.53
N ARG C 44 18.65 -11.56 -1.79
CA ARG C 44 17.75 -10.78 -2.63
C ARG C 44 16.29 -11.18 -2.46
N LEU C 45 15.42 -10.18 -2.35
CA LEU C 45 13.98 -10.40 -2.28
C LEU C 45 13.26 -9.70 -3.44
N ASP C 46 14.03 -9.21 -4.41
CA ASP C 46 13.47 -8.50 -5.54
C ASP C 46 13.20 -9.46 -6.71
N GLY C 47 13.68 -10.70 -6.57
CA GLY C 47 13.44 -11.73 -7.56
C GLY C 47 14.65 -12.07 -8.41
N SER C 48 15.77 -11.37 -8.18
CA SER C 48 16.97 -11.59 -8.98
C SER C 48 17.78 -12.76 -8.43
N ALA C 49 17.31 -13.34 -7.33
CA ALA C 49 17.98 -14.48 -6.75
C ALA C 49 17.86 -15.68 -7.67
N ARG C 50 18.95 -16.42 -7.83
CA ARG C 50 18.99 -17.61 -8.67
C ARG C 50 19.15 -18.87 -7.83
N VAL C 51 19.75 -18.73 -6.65
CA VAL C 51 19.95 -19.86 -5.77
C VAL C 51 19.30 -19.64 -4.42
N LEU C 52 18.60 -20.67 -3.94
CA LEU C 52 18.03 -20.66 -2.60
C LEU C 52 18.88 -21.48 -1.65
N ILE C 53 19.25 -20.90 -0.51
CA ILE C 53 19.93 -21.62 0.55
C ILE C 53 18.95 -21.86 1.69
N VAL C 54 18.84 -23.10 2.14
CA VAL C 54 18.05 -23.43 3.31
C VAL C 54 18.99 -23.82 4.46
N GLY C 55 19.12 -22.94 5.44
CA GLY C 55 19.95 -23.19 6.61
C GLY C 55 19.13 -23.82 7.72
N GLN C 56 19.73 -23.91 8.90
CA GLN C 56 19.08 -24.52 10.05
C GLN C 56 18.54 -23.46 11.01
N ASP C 57 19.43 -22.81 11.76
CA ASP C 57 19.02 -21.79 12.71
C ASP C 57 20.15 -20.78 12.95
N PRO C 58 19.80 -19.53 13.28
CA PRO C 58 20.78 -18.45 13.43
C PRO C 58 21.58 -18.52 14.73
N ALA C 59 22.69 -17.78 14.80
CA ALA C 59 23.51 -17.75 16.00
C ALA C 59 23.56 -16.32 16.57
N GLN C 60 24.60 -15.99 17.32
CA GLN C 60 24.65 -14.71 18.02
C GLN C 60 25.06 -13.57 17.08
N HIS C 61 25.86 -13.89 16.06
CA HIS C 61 26.24 -12.90 15.07
C HIS C 61 25.02 -12.41 14.31
N GLU C 62 24.14 -13.34 13.95
CA GLU C 62 22.92 -13.02 13.22
C GLU C 62 21.98 -12.20 14.07
N THR C 63 22.07 -12.36 15.38
CA THR C 63 21.19 -11.68 16.32
C THR C 63 21.48 -10.19 16.38
N ILE C 64 22.67 -9.80 15.95
CA ILE C 64 23.08 -8.40 15.97
C ILE C 64 22.87 -7.76 14.60
N VAL C 65 23.31 -8.45 13.54
CA VAL C 65 23.17 -7.94 12.18
C VAL C 65 21.71 -8.01 11.71
N ARG C 66 20.97 -8.98 12.24
CA ARG C 66 19.55 -9.22 11.91
C ARG C 66 19.38 -9.76 10.49
N ARG C 67 20.42 -10.40 9.97
CA ARG C 67 20.30 -11.22 8.76
C ARG C 67 20.91 -12.58 9.07
N ILE C 68 20.43 -13.64 8.42
CA ILE C 68 20.87 -14.98 8.76
C ILE C 68 22.19 -15.33 8.07
N LEU C 69 22.89 -16.31 8.63
CA LEU C 69 24.12 -16.85 8.04
C LEU C 69 25.15 -15.77 7.71
N VAL C 70 25.58 -15.04 8.74
CA VAL C 70 26.63 -14.02 8.57
C VAL C 70 27.88 -14.37 9.38
N GLY C 71 27.82 -15.50 10.09
CA GLY C 71 28.94 -15.95 10.89
C GLY C 71 29.86 -16.86 10.10
N THR C 72 30.59 -17.72 10.81
CA THR C 72 31.54 -18.61 10.18
C THR C 72 30.85 -19.56 9.20
N ALA C 73 29.64 -20.00 9.57
CA ALA C 73 28.85 -20.85 8.70
C ALA C 73 28.54 -20.11 7.39
N GLY C 74 28.23 -18.83 7.51
CA GLY C 74 27.89 -18.01 6.37
C GLY C 74 29.04 -17.74 5.43
N ARG C 75 30.23 -17.51 5.98
CA ARG C 75 31.40 -17.20 5.17
C ARG C 75 31.86 -18.41 4.38
N ARG C 76 31.60 -19.60 4.91
CA ARG C 76 31.92 -20.84 4.21
C ARG C 76 30.93 -21.09 3.08
N THR C 77 29.68 -20.66 3.31
CA THR C 77 28.63 -20.80 2.31
C THR C 77 28.85 -19.88 1.12
N GLN C 78 29.38 -18.69 1.39
CA GLN C 78 29.68 -17.72 0.34
C GLN C 78 30.64 -18.29 -0.69
N GLY C 79 31.65 -19.02 -0.22
CA GLY C 79 32.66 -19.60 -1.09
C GLY C 79 32.09 -20.74 -1.92
N PHE C 80 31.10 -21.43 -1.36
CA PHE C 80 30.42 -22.51 -2.08
C PHE C 80 29.63 -21.92 -3.25
N LEU C 81 28.91 -20.83 -2.98
CA LEU C 81 28.16 -20.14 -4.01
C LEU C 81 29.08 -19.42 -5.00
N ALA C 82 30.17 -18.88 -4.50
CA ALA C 82 31.12 -18.14 -5.32
C ALA C 82 31.75 -19.02 -6.40
N LYS C 83 31.85 -20.32 -6.12
CA LYS C 83 32.41 -21.27 -7.08
C LYS C 83 31.46 -21.54 -8.22
N LEU C 84 30.18 -21.25 -7.99
CA LEU C 84 29.14 -21.46 -9.00
C LEU C 84 28.94 -20.21 -9.84
N GLY C 85 29.76 -19.18 -9.56
CA GLY C 85 29.65 -17.91 -10.26
C GLY C 85 28.63 -17.00 -9.60
N ILE C 86 28.04 -17.46 -8.51
CA ILE C 86 27.05 -16.69 -7.76
C ILE C 86 27.71 -15.78 -6.75
N VAL C 87 27.56 -14.47 -6.94
CA VAL C 87 28.17 -13.48 -6.06
C VAL C 87 27.12 -12.73 -5.25
N GLN C 88 25.95 -12.49 -5.85
CA GLN C 88 24.88 -11.75 -5.19
C GLN C 88 23.49 -12.31 -5.48
N SER C 89 23.38 -13.13 -6.51
CA SER C 89 22.08 -13.65 -6.92
C SER C 89 21.70 -14.87 -6.10
N TYR C 90 21.30 -14.63 -4.85
CA TYR C 90 20.89 -15.70 -3.96
C TYR C 90 19.89 -15.20 -2.93
N VAL C 91 19.23 -16.14 -2.28
CA VAL C 91 18.36 -15.84 -1.16
C VAL C 91 18.51 -16.98 -0.16
N MET C 92 18.64 -16.64 1.11
CA MET C 92 18.82 -17.64 2.15
C MET C 92 17.71 -17.50 3.17
N VAL C 93 17.18 -18.65 3.60
CA VAL C 93 16.13 -18.67 4.63
C VAL C 93 16.47 -19.83 5.57
N ASN C 94 16.14 -19.67 6.85
CA ASN C 94 16.46 -20.69 7.84
C ASN C 94 15.29 -21.62 8.12
N THR C 95 15.60 -22.83 8.55
CA THR C 95 14.59 -23.81 8.94
C THR C 95 13.79 -23.25 10.11
N PHE C 96 14.49 -22.55 10.98
CA PHE C 96 13.87 -21.93 12.15
C PHE C 96 14.12 -20.42 12.13
N LEU C 97 13.12 -19.64 12.51
CA LEU C 97 13.24 -18.20 12.56
C LEU C 97 14.22 -17.78 13.64
N TYR C 98 14.17 -18.48 14.77
CA TYR C 98 15.01 -18.19 15.93
C TYR C 98 16.07 -19.26 16.09
N SER C 99 17.04 -19.00 16.97
CA SER C 99 18.10 -19.94 17.23
C SER C 99 17.62 -21.05 18.17
N VAL C 100 18.25 -22.21 18.06
CA VAL C 100 17.90 -23.36 18.90
C VAL C 100 18.71 -23.36 20.19
N TYR C 101 18.05 -23.71 21.27
CA TYR C 101 18.69 -23.88 22.54
C TYR C 101 18.54 -25.29 23.06
N GLY C 102 19.52 -26.18 22.94
CA GLY C 102 19.40 -27.50 23.57
C GLY C 102 19.74 -28.74 22.75
N GLN C 103 18.73 -29.57 22.49
CA GLN C 103 18.80 -30.60 21.45
C GLN C 103 17.47 -30.67 20.71
N SER C 104 16.93 -29.52 20.35
CA SER C 104 15.64 -29.47 19.73
C SER C 104 15.59 -28.79 18.36
N GLY C 105 16.57 -29.04 17.49
CA GLY C 105 17.77 -29.80 17.78
C GLY C 105 17.66 -31.22 17.30
N GLY C 106 16.66 -31.92 17.82
CA GLY C 106 16.11 -33.10 17.20
C GLY C 106 15.91 -32.84 15.73
N SER C 107 15.07 -31.89 15.36
CA SER C 107 14.35 -31.06 16.30
C SER C 107 13.34 -31.84 17.07
N LYS C 108 13.36 -31.71 18.37
CA LYS C 108 12.22 -32.15 19.14
C LYS C 108 10.93 -31.50 18.63
N HIS C 109 11.09 -30.37 17.94
CA HIS C 109 9.95 -29.64 17.39
C HIS C 109 10.22 -29.23 15.95
N LYS C 110 10.19 -30.20 15.06
CA LYS C 110 10.42 -29.91 13.68
C LYS C 110 9.18 -30.04 12.86
N ASN C 111 8.16 -30.63 13.44
CA ASN C 111 6.95 -30.86 12.71
C ASN C 111 5.81 -30.09 13.31
N GLU C 112 6.10 -29.16 14.21
CA GLU C 112 5.06 -28.31 14.76
C GLU C 112 4.44 -27.47 13.63
N PRO C 113 3.10 -27.54 13.46
CA PRO C 113 2.46 -26.83 12.34
C PRO C 113 2.77 -25.34 12.28
N GLY C 114 2.79 -24.68 13.43
CA GLY C 114 3.03 -23.25 13.48
C GLY C 114 4.38 -22.83 12.92
N ILE C 115 5.31 -23.77 12.84
CA ILE C 115 6.65 -23.49 12.37
C ILE C 115 6.76 -23.72 10.87
N VAL C 116 6.24 -24.86 10.41
CA VAL C 116 6.34 -25.23 9.01
C VAL C 116 5.43 -24.37 8.15
N ASP C 117 4.23 -24.07 8.66
CA ASP C 117 3.27 -23.26 7.91
C ASP C 117 3.86 -21.88 7.61
N TYR C 118 4.49 -21.26 8.60
CA TYR C 118 5.07 -19.93 8.41
C TYR C 118 6.31 -19.99 7.54
N ARG C 119 7.06 -21.09 7.68
CA ARG C 119 8.27 -21.25 6.89
C ARG C 119 7.88 -21.47 5.43
N ASN C 120 6.77 -22.17 5.24
CA ASN C 120 6.26 -22.45 3.90
C ASN C 120 5.82 -21.18 3.17
N LYS C 121 5.26 -20.23 3.91
CA LYS C 121 4.81 -18.98 3.30
C LYS C 121 6.01 -18.21 2.80
N TRP C 122 7.12 -18.31 3.52
CA TRP C 122 8.36 -17.67 3.09
C TRP C 122 8.93 -18.44 1.91
N PHE C 123 8.71 -19.75 1.88
CA PHE C 123 9.11 -20.55 0.73
C PHE C 123 8.27 -20.16 -0.47
N LYS C 124 6.96 -20.06 -0.28
CA LYS C 124 6.04 -19.68 -1.34
C LYS C 124 6.41 -18.31 -1.90
N ALA C 125 6.81 -17.40 -1.02
CA ALA C 125 7.10 -16.02 -1.40
C ALA C 125 8.42 -15.91 -2.16
N VAL C 126 9.48 -16.55 -1.67
CA VAL C 126 10.79 -16.45 -2.30
C VAL C 126 10.80 -17.20 -3.63
N LEU C 127 9.94 -18.21 -3.72
CA LEU C 127 9.86 -19.05 -4.93
C LEU C 127 8.87 -18.51 -5.97
N GLY C 128 8.00 -17.60 -5.54
CA GLY C 128 6.92 -17.13 -6.40
C GLY C 128 7.33 -16.68 -7.80
N PRO C 129 8.32 -15.79 -7.90
CA PRO C 129 8.77 -15.30 -9.21
C PRO C 129 9.36 -16.37 -10.13
N GLY C 130 9.61 -17.56 -9.62
CA GLY C 130 10.02 -18.68 -10.46
C GLY C 130 11.38 -18.56 -11.12
N ASN C 131 12.25 -17.72 -10.56
CA ASN C 131 13.58 -17.48 -11.13
C ASN C 131 14.67 -18.31 -10.48
N ILE C 132 14.34 -18.98 -9.38
CA ILE C 132 15.29 -19.85 -8.68
C ILE C 132 15.51 -21.09 -9.54
N GLU C 133 16.79 -21.41 -9.77
CA GLU C 133 17.15 -22.55 -10.62
C GLU C 133 17.90 -23.63 -9.84
N ALA C 134 18.20 -23.36 -8.58
CA ALA C 134 18.87 -24.35 -7.74
C ALA C 134 18.61 -24.10 -6.25
N VAL C 135 18.43 -25.19 -5.50
CA VAL C 135 18.20 -25.13 -4.07
C VAL C 135 19.23 -25.98 -3.34
N VAL C 136 19.84 -25.40 -2.31
CA VAL C 136 20.82 -26.11 -1.49
C VAL C 136 20.41 -26.07 -0.02
N SER C 137 20.29 -27.26 0.56
CA SER C 137 19.98 -27.40 1.99
C SER C 137 21.26 -27.62 2.76
N LEU C 138 21.33 -27.08 3.98
CA LEU C 138 22.52 -27.21 4.81
C LEU C 138 22.33 -28.23 5.93
N GLY C 139 21.51 -27.90 6.92
CA GLY C 139 21.30 -28.81 8.04
C GLY C 139 20.54 -30.06 7.64
N GLY C 140 20.43 -30.99 8.58
CA GLY C 140 19.75 -32.25 8.32
C GLY C 140 18.25 -32.01 8.44
N LEU C 141 17.90 -31.01 9.25
CA LEU C 141 16.51 -30.62 9.45
C LEU C 141 16.05 -29.78 8.27
N ALA C 142 16.99 -29.03 7.72
CA ALA C 142 16.73 -28.21 6.54
C ALA C 142 16.45 -29.12 5.36
N ASP C 143 17.13 -30.26 5.32
CA ASP C 143 16.89 -31.26 4.29
C ASP C 143 15.47 -31.76 4.38
N GLU C 144 15.05 -32.08 5.60
CA GLU C 144 13.70 -32.55 5.86
C GLU C 144 12.69 -31.40 5.76
N ALA C 145 13.15 -30.18 6.01
CA ALA C 145 12.30 -29.00 5.93
C ALA C 145 11.90 -28.74 4.47
N TRP C 146 12.87 -28.90 3.58
CA TRP C 146 12.64 -28.75 2.16
C TRP C 146 11.70 -29.83 1.66
N LYS C 147 11.81 -31.01 2.25
CA LYS C 147 10.98 -32.15 1.86
C LYS C 147 9.53 -31.97 2.30
N ALA C 148 9.32 -31.29 3.42
CA ALA C 148 7.97 -31.04 3.92
C ALA C 148 7.26 -29.99 3.08
N TRP C 149 8.05 -29.14 2.44
CA TRP C 149 7.50 -28.11 1.57
C TRP C 149 6.97 -28.72 0.28
N LEU C 150 7.70 -29.70 -0.25
CA LEU C 150 7.32 -30.35 -1.49
C LEU C 150 6.09 -31.25 -1.33
N LYS C 151 5.76 -31.59 -0.09
CA LYS C 151 4.65 -32.50 0.18
C LYS C 151 3.36 -31.74 0.47
N SER C 152 3.45 -30.41 0.48
CA SER C 152 2.27 -29.57 0.66
C SER C 152 1.68 -29.18 -0.69
N SER C 153 0.45 -28.70 -0.67
CA SER C 153 -0.26 -28.36 -1.91
C SER C 153 0.41 -27.25 -2.71
N ASP C 154 0.75 -26.15 -2.06
CA ASP C 154 1.28 -24.98 -2.74
C ASP C 154 2.70 -25.17 -3.27
N GLY C 155 3.44 -26.11 -2.69
CA GLY C 155 4.83 -26.32 -3.03
C GLY C 155 5.12 -27.51 -3.92
N ALA C 156 4.10 -28.35 -4.13
CA ALA C 156 4.25 -29.56 -4.93
C ALA C 156 4.78 -29.31 -6.35
N ALA C 157 4.65 -28.08 -6.84
CA ALA C 157 5.04 -27.76 -8.21
C ALA C 157 6.55 -27.54 -8.36
N TYR C 158 7.32 -27.94 -7.35
CA TYR C 158 8.77 -27.74 -7.36
C TYR C 158 9.53 -29.06 -7.13
N LYS C 159 8.84 -30.17 -7.34
CA LYS C 159 9.46 -31.49 -7.26
C LYS C 159 10.56 -31.62 -8.30
N THR C 160 10.46 -30.83 -9.36
CA THR C 160 11.37 -30.92 -10.49
C THR C 160 12.59 -30.03 -10.29
N LEU C 161 12.49 -29.07 -9.39
CA LEU C 161 13.56 -28.09 -9.20
C LEU C 161 14.80 -28.76 -8.59
N ALA C 162 15.94 -28.50 -9.21
CA ALA C 162 17.21 -29.08 -8.76
C ALA C 162 17.47 -28.82 -7.28
N TYR C 163 17.83 -29.89 -6.56
CA TYR C 163 18.01 -29.84 -5.13
C TYR C 163 19.13 -30.77 -4.68
N GLN C 164 19.97 -30.28 -3.76
CA GLN C 164 21.06 -31.09 -3.21
C GLN C 164 21.16 -30.89 -1.70
N HIS C 165 21.13 -31.99 -0.96
CA HIS C 165 21.37 -31.92 0.49
C HIS C 165 22.85 -32.14 0.79
N ILE C 166 23.50 -31.10 1.30
CA ILE C 166 24.90 -31.18 1.69
C ILE C 166 25.03 -31.06 3.21
N THR C 167 26.21 -31.37 3.71
CA THR C 167 26.47 -31.30 5.15
C THR C 167 26.61 -29.86 5.62
N HIS C 168 26.16 -29.59 6.84
CA HIS C 168 26.18 -28.26 7.44
C HIS C 168 27.62 -27.72 7.53
N PRO C 169 27.84 -26.47 7.06
CA PRO C 169 29.20 -25.91 7.00
C PRO C 169 30.02 -25.99 8.29
N THR C 170 29.38 -25.95 9.45
CA THR C 170 30.09 -25.96 10.72
C THR C 170 29.99 -27.33 11.38
N TRP C 171 29.84 -28.37 10.58
CA TRP C 171 29.65 -29.71 11.10
C TRP C 171 30.91 -30.27 11.77
N PRO C 172 32.10 -30.04 11.15
CA PRO C 172 33.34 -30.54 11.77
C PRO C 172 33.56 -30.06 13.19
N GLU C 173 33.41 -28.76 13.42
CA GLU C 173 33.63 -28.18 14.74
C GLU C 173 32.50 -28.51 15.71
N SER C 174 31.40 -29.07 15.19
CA SER C 174 30.25 -29.42 16.03
C SER C 174 30.31 -30.86 16.52
N SER C 175 31.06 -31.70 15.80
CA SER C 175 31.11 -33.12 16.12
C SER C 175 32.22 -33.44 17.11
N ALA C 176 33.23 -32.59 17.14
CA ALA C 176 34.38 -32.84 18.00
C ALA C 176 35.23 -31.59 18.21
N HIS C 177 36.10 -31.66 19.21
CA HIS C 177 36.97 -30.54 19.59
C HIS C 177 38.42 -30.79 19.22
N ASP C 178 38.79 -32.05 19.07
CA ASP C 178 40.13 -32.42 18.68
C ASP C 178 40.46 -31.87 17.31
N SER C 179 41.59 -31.16 17.20
CA SER C 179 41.99 -30.54 15.94
C SER C 179 42.22 -31.58 14.84
N ALA C 180 42.49 -32.82 15.23
CA ALA C 180 42.77 -33.88 14.27
C ALA C 180 41.50 -34.36 13.57
N THR C 181 40.47 -34.69 14.35
CA THR C 181 39.19 -35.13 13.78
C THR C 181 38.50 -33.96 13.08
N GLN C 182 38.69 -32.74 13.59
CA GLN C 182 38.11 -31.57 12.96
C GLN C 182 38.67 -31.41 11.55
N ALA C 183 39.98 -31.60 11.42
CA ALA C 183 40.63 -31.51 10.11
C ALA C 183 40.26 -32.72 9.27
N ALA C 184 40.05 -33.85 9.94
CA ALA C 184 39.69 -35.09 9.26
C ALA C 184 38.27 -35.01 8.70
N ASN C 185 37.36 -34.45 9.50
CA ASN C 185 35.97 -34.31 9.09
C ASN C 185 35.81 -33.29 7.96
N THR C 186 36.71 -32.31 7.92
CA THR C 186 36.70 -31.30 6.88
C THR C 186 36.92 -31.92 5.51
N LYS C 187 37.86 -32.87 5.43
CA LYS C 187 38.16 -33.54 4.17
C LYS C 187 36.95 -34.32 3.64
N ILE C 188 36.19 -34.91 4.55
CA ILE C 188 35.03 -35.70 4.18
C ILE C 188 33.90 -34.84 3.65
N MET C 189 33.66 -33.70 4.31
CA MET C 189 32.59 -32.81 3.93
C MET C 189 32.83 -32.19 2.55
N LEU C 190 34.01 -31.60 2.36
CA LEU C 190 34.33 -30.93 1.11
C LEU C 190 34.31 -31.88 -0.09
N ALA C 191 34.64 -33.14 0.15
CA ALA C 191 34.61 -34.16 -0.89
C ALA C 191 33.17 -34.54 -1.21
N LYS C 192 32.36 -34.62 -0.16
CA LYS C 192 30.95 -34.96 -0.28
C LYS C 192 30.17 -33.78 -0.88
N TRP C 193 30.65 -32.58 -0.61
CA TRP C 193 30.08 -31.35 -1.16
C TRP C 193 30.20 -31.28 -2.67
N ASN C 194 31.26 -31.89 -3.19
CA ASN C 194 31.51 -31.90 -4.63
C ASN C 194 30.34 -32.49 -5.41
N ALA C 195 29.62 -33.41 -4.77
CA ALA C 195 28.47 -34.04 -5.40
C ALA C 195 27.41 -32.98 -5.70
N ALA C 196 27.26 -32.02 -4.80
CA ALA C 196 26.31 -30.94 -5.00
C ALA C 196 26.86 -29.95 -6.01
N LEU C 197 28.15 -29.68 -5.94
CA LEU C 197 28.78 -28.75 -6.87
C LEU C 197 28.77 -29.31 -8.29
N ALA C 198 28.97 -30.62 -8.40
CA ALA C 198 28.98 -31.29 -9.69
C ALA C 198 27.58 -31.42 -10.28
N ALA C 199 26.60 -31.62 -9.40
CA ALA C 199 25.22 -31.85 -9.84
C ALA C 199 24.47 -30.56 -10.13
N LEU C 200 24.91 -29.45 -9.53
CA LEU C 200 24.20 -28.19 -9.63
C LEU C 200 24.83 -27.22 -10.63
N ALA C 201 26.11 -27.40 -10.90
CA ALA C 201 26.84 -26.49 -11.79
C ALA C 201 26.19 -26.36 -13.17
N PRO C 202 25.71 -27.47 -13.75
CA PRO C 202 25.07 -27.34 -15.07
C PRO C 202 23.67 -26.77 -15.00
N GLU C 203 23.07 -26.77 -13.80
CA GLU C 203 21.71 -26.27 -13.64
C GLU C 203 21.72 -24.76 -13.45
N VAL C 204 22.80 -24.26 -12.86
CA VAL C 204 22.97 -22.82 -12.66
C VAL C 204 23.57 -22.19 -13.92
N LYS C 205 22.73 -21.84 -14.87
CA LYS C 205 23.16 -21.29 -16.15
C LYS C 205 23.12 -19.76 -16.22
N HIS C 206 22.68 -19.12 -15.14
CA HIS C 206 22.61 -17.66 -15.09
C HIS C 206 23.39 -17.12 -13.89
N PRO C 207 24.71 -17.35 -13.87
CA PRO C 207 25.59 -16.84 -12.81
C PRO C 207 25.89 -15.35 -12.99
N ASP C 208 26.13 -14.66 -11.90
CA ASP C 208 26.52 -13.25 -11.96
C ASP C 208 27.89 -13.10 -12.61
N VAL C 209 28.69 -14.16 -12.52
CA VAL C 209 30.03 -14.18 -13.12
C VAL C 209 30.32 -15.57 -13.68
N PRO C 210 30.53 -15.68 -15.01
CA PRO C 210 30.89 -16.99 -15.54
C PRO C 210 32.21 -17.52 -14.96
N THR C 211 32.18 -18.71 -14.38
CA THR C 211 33.33 -19.25 -13.67
C THR C 211 33.38 -20.77 -13.81
N THR C 212 34.55 -21.28 -14.20
CA THR C 212 34.76 -22.72 -14.26
C THR C 212 34.94 -23.28 -12.85
N LEU C 213 34.24 -24.36 -12.55
CA LEU C 213 34.23 -24.94 -11.21
C LEU C 213 35.61 -25.42 -10.78
N VAL C 214 36.03 -24.98 -9.58
CA VAL C 214 37.29 -25.42 -8.98
C VAL C 214 37.00 -26.16 -7.68
N PRO C 215 37.26 -27.48 -7.65
CA PRO C 215 36.93 -28.23 -6.44
C PRO C 215 37.86 -27.89 -5.27
N TYR C 216 37.40 -28.18 -4.07
CA TYR C 216 38.18 -27.93 -2.86
C TYR C 216 39.38 -28.86 -2.73
N GLY C 217 40.37 -28.42 -1.96
CA GLY C 217 41.50 -29.27 -1.61
C GLY C 217 41.20 -30.08 -0.36
N ASP C 218 42.23 -30.31 0.45
CA ASP C 218 42.06 -31.05 1.69
C ASP C 218 41.62 -30.13 2.81
N ALA C 219 41.90 -28.83 2.66
CA ALA C 219 41.51 -27.83 3.64
C ALA C 219 41.03 -26.57 2.94
N PHE C 220 40.31 -25.73 3.68
CA PHE C 220 39.86 -24.45 3.15
C PHE C 220 41.05 -23.54 2.87
N LYS C 221 41.05 -22.87 1.73
CA LYS C 221 42.00 -21.81 1.47
C LYS C 221 41.36 -20.46 1.79
N PRO C 222 42.19 -19.44 2.09
CA PRO C 222 41.68 -18.12 2.46
C PRO C 222 40.75 -17.54 1.41
N SER C 223 40.96 -17.91 0.15
CA SER C 223 40.16 -17.39 -0.95
C SER C 223 38.80 -18.08 -1.06
N GLU C 224 38.68 -19.25 -0.44
CA GLU C 224 37.42 -19.99 -0.47
C GLU C 224 36.54 -19.64 0.74
N LEU C 225 37.01 -18.69 1.54
CA LEU C 225 36.22 -18.11 2.62
C LEU C 225 35.94 -16.66 2.27
N VAL C 226 34.71 -16.37 1.87
CA VAL C 226 34.36 -15.07 1.31
C VAL C 226 33.47 -14.28 2.25
N ASP C 227 33.87 -13.02 2.50
CA ASP C 227 33.12 -12.12 3.37
C ASP C 227 31.76 -11.80 2.78
N ILE C 228 30.77 -11.64 3.65
CA ILE C 228 29.43 -11.23 3.23
C ILE C 228 29.50 -9.86 2.58
N ILE C 229 28.70 -9.66 1.54
CA ILE C 229 28.73 -8.43 0.76
C ILE C 229 27.89 -7.33 1.40
N ALA C 230 28.26 -6.07 1.12
CA ALA C 230 27.62 -4.91 1.71
C ALA C 230 26.11 -4.87 1.43
N LYS C 231 25.72 -5.29 0.23
CA LYS C 231 24.31 -5.27 -0.17
C LYS C 231 23.42 -6.12 0.72
N ASP C 232 24.02 -7.03 1.48
CA ASP C 232 23.26 -7.95 2.31
C ASP C 232 22.96 -7.40 3.70
N LEU C 233 23.70 -6.37 4.11
CA LEU C 233 23.56 -5.83 5.46
C LEU C 233 22.72 -4.57 5.46
N PRO C 234 21.95 -4.34 6.55
CA PRO C 234 21.18 -3.10 6.71
C PRO C 234 22.01 -1.83 6.56
N ALA C 235 21.34 -0.70 6.38
CA ALA C 235 22.01 0.57 6.20
C ALA C 235 22.76 0.99 7.45
N GLY C 236 24.05 1.25 7.30
CA GLY C 236 24.86 1.82 8.37
C GLY C 236 25.75 0.85 9.12
N LEU C 237 25.52 -0.44 8.98
CA LEU C 237 26.34 -1.42 9.69
C LEU C 237 27.78 -1.37 9.18
N PRO C 238 28.76 -1.31 10.10
CA PRO C 238 30.16 -1.13 9.71
C PRO C 238 30.78 -2.37 9.05
N ALA C 239 31.86 -2.17 8.32
CA ALA C 239 32.45 -3.21 7.49
C ALA C 239 32.95 -4.42 8.29
N TRP C 240 33.35 -4.21 9.54
CA TRP C 240 33.91 -5.29 10.33
C TRP C 240 32.82 -6.27 10.79
N MET C 241 31.56 -5.84 10.70
CA MET C 241 30.44 -6.70 11.01
C MET C 241 30.25 -7.72 9.90
N ARG C 242 30.91 -7.48 8.77
CA ARG C 242 30.92 -8.42 7.66
C ARG C 242 32.37 -8.75 7.31
N GLY C 243 33.21 -8.87 8.33
CA GLY C 243 34.61 -9.19 8.13
C GLY C 243 34.92 -10.64 8.41
N ASP C 244 36.20 -10.98 8.46
CA ASP C 244 36.64 -12.37 8.57
C ASP C 244 36.90 -12.79 10.02
N THR C 245 36.87 -11.83 10.93
CA THR C 245 37.18 -12.08 12.33
C THR C 245 35.90 -12.09 13.16
N PRO C 246 35.68 -13.14 13.96
CA PRO C 246 34.51 -13.15 14.85
C PRO C 246 34.48 -11.93 15.77
N TRP C 247 33.29 -11.52 16.17
CA TRP C 247 33.14 -10.32 17.00
C TRP C 247 31.95 -10.42 17.94
N ALA C 248 31.30 -11.58 17.98
CA ALA C 248 30.16 -11.79 18.87
C ALA C 248 30.18 -13.17 19.51
N VAL C 249 29.91 -13.20 20.81
CA VAL C 249 29.85 -14.45 21.57
C VAL C 249 28.88 -14.32 22.74
N ARG C 250 28.28 -15.43 23.13
CA ARG C 250 27.45 -15.45 24.33
C ARG C 250 28.32 -15.73 25.54
N GLN C 251 28.13 -14.96 26.62
CA GLN C 251 28.97 -15.09 27.79
C GLN C 251 28.18 -14.87 29.09
N GLY C 252 28.39 -15.75 30.06
CA GLY C 252 27.72 -15.65 31.33
C GLY C 252 28.33 -16.58 32.37
N VAL C 253 28.09 -16.29 33.64
CA VAL C 253 28.69 -17.05 34.72
C VAL C 253 28.07 -18.45 34.83
N ASP C 254 26.79 -18.55 34.48
CA ASP C 254 26.12 -19.83 34.39
C ASP C 254 25.23 -19.87 33.15
N ALA C 255 24.44 -20.93 33.01
CA ALA C 255 23.61 -21.13 31.83
C ALA C 255 22.54 -20.04 31.70
N ALA C 256 21.96 -19.64 32.83
CA ALA C 256 20.88 -18.67 32.81
C ALA C 256 21.37 -17.29 32.38
N ALA C 257 22.57 -16.92 32.81
CA ALA C 257 23.15 -15.62 32.49
C ALA C 257 23.71 -15.61 31.07
N LYS C 258 24.24 -16.74 30.63
CA LYS C 258 24.82 -16.85 29.30
C LYS C 258 23.74 -16.70 28.23
N ARG C 259 22.54 -17.17 28.53
CA ARG C 259 21.44 -17.11 27.58
C ARG C 259 20.93 -15.68 27.40
N ARG C 260 21.12 -14.88 28.44
CA ARG C 260 20.58 -13.53 28.51
C ARG C 260 21.56 -12.50 27.94
N THR C 261 22.71 -12.98 27.48
CA THR C 261 23.82 -12.09 27.16
C THR C 261 24.50 -12.34 25.82
N ILE C 262 24.83 -11.24 25.13
CA ILE C 262 25.71 -11.27 23.98
C ILE C 262 26.81 -10.22 24.13
N MET C 263 28.04 -10.63 23.82
CA MET C 263 29.21 -9.76 23.87
C MET C 263 29.64 -9.37 22.47
N ILE C 264 29.65 -8.07 22.18
CA ILE C 264 30.11 -7.58 20.89
C ILE C 264 31.45 -6.89 21.09
N THR C 265 32.47 -7.32 20.36
CA THR C 265 33.81 -6.74 20.49
C THR C 265 34.39 -6.42 19.12
N ILE C 266 34.65 -5.15 18.87
CA ILE C 266 35.20 -4.71 17.60
C ILE C 266 36.60 -5.29 17.37
N PRO C 267 36.82 -5.91 16.19
CA PRO C 267 38.15 -6.44 15.89
C PRO C 267 39.25 -5.39 15.97
N ASP C 268 40.46 -5.84 16.28
CA ASP C 268 41.61 -4.95 16.36
C ASP C 268 41.98 -4.42 14.98
N GLY C 269 42.34 -3.14 14.92
CA GLY C 269 42.76 -2.51 13.67
C GLY C 269 41.76 -1.53 13.12
N VAL C 270 40.51 -1.63 13.59
CA VAL C 270 39.46 -0.72 13.16
C VAL C 270 39.68 0.67 13.72
N ILE C 271 39.76 0.75 15.05
CA ILE C 271 39.99 2.02 15.74
C ILE C 271 41.48 2.36 15.73
N PRO C 272 41.84 3.62 15.42
CA PRO C 272 43.26 3.99 15.34
C PRO C 272 44.02 3.72 16.64
N MET D 1 -2.86 -9.59 16.40
CA MET D 1 -1.57 -10.33 16.41
C MET D 1 -0.52 -9.58 15.59
N LEU D 2 -0.89 -8.40 15.11
CA LEU D 2 -0.02 -7.60 14.26
C LEU D 2 0.99 -6.78 15.05
N THR D 3 2.25 -6.85 14.62
CA THR D 3 3.33 -6.06 15.21
C THR D 3 3.94 -5.18 14.14
N GLU D 4 3.85 -3.87 14.34
CA GLU D 4 4.31 -2.91 13.34
C GLU D 4 5.83 -2.76 13.39
N PHE D 5 6.39 -2.16 12.37
CA PHE D 5 7.80 -2.02 12.26
C PHE D 5 8.21 -0.99 11.22
N ASP D 6 9.43 -0.52 11.31
CA ASP D 6 9.92 0.45 10.38
C ASP D 6 10.91 -0.20 9.45
N ALA D 7 10.81 0.15 8.18
CA ALA D 7 11.70 -0.39 7.16
C ALA D 7 12.11 0.69 6.17
N GLY D 8 12.33 1.90 6.68
CA GLY D 8 12.72 3.02 5.84
C GLY D 8 14.02 2.77 5.10
N TYR D 9 14.59 3.82 4.54
CA TYR D 9 15.83 3.71 3.79
C TYR D 9 15.62 2.94 2.49
N GLY D 10 14.35 2.76 2.13
CA GLY D 10 14.02 2.04 0.91
C GLY D 10 13.57 2.98 -0.20
N GLU D 11 12.94 4.08 0.19
CA GLU D 11 12.46 5.06 -0.78
C GLU D 11 13.36 6.29 -0.79
N GLN D 12 13.37 6.99 -1.92
CA GLN D 12 14.18 8.18 -2.07
C GLN D 12 13.54 9.37 -1.38
N PRO D 13 14.35 10.39 -1.07
CA PRO D 13 15.78 10.34 -1.40
C PRO D 13 16.61 9.79 -0.26
N PHE D 14 16.01 8.92 0.56
CA PHE D 14 16.70 8.39 1.69
C PHE D 14 17.55 7.20 1.33
N ARG D 15 17.22 6.52 0.25
CA ARG D 15 17.99 5.39 -0.20
C ARG D 15 19.40 5.83 -0.55
N ASP D 16 19.53 7.02 -1.06
CA ASP D 16 20.75 7.47 -1.65
C ASP D 16 21.57 8.08 -0.62
N LEU D 17 20.87 8.60 0.35
CA LEU D 17 21.51 9.23 1.50
C LEU D 17 22.21 8.18 2.37
N CYS D 18 21.62 6.99 2.45
CA CYS D 18 22.14 5.92 3.30
C CYS D 18 23.18 5.06 2.59
N ALA D 19 23.42 5.36 1.32
CA ALA D 19 24.42 4.64 0.53
C ALA D 19 25.60 5.57 0.24
N ASN D 20 25.42 6.85 0.53
CA ASN D 20 26.46 7.84 0.34
C ASN D 20 26.59 8.74 1.55
N TYR D 21 27.02 8.17 2.67
CA TYR D 21 27.19 8.90 3.92
C TYR D 21 28.67 9.19 4.17
N PRO D 22 28.97 10.21 4.99
CA PRO D 22 30.36 10.58 5.28
C PRO D 22 31.02 9.69 6.32
N GLY D 23 32.31 9.46 6.17
CA GLY D 23 33.09 8.68 7.11
C GLY D 23 34.20 9.49 7.76
N ALA D 24 35.39 8.94 7.76
CA ALA D 24 36.53 9.55 8.45
C ALA D 24 37.00 10.86 7.83
N GLU D 25 36.50 11.17 6.63
CA GLU D 25 36.92 12.39 5.94
C GLU D 25 36.21 13.62 6.49
N ALA D 26 35.12 13.39 7.21
CA ALA D 26 34.33 14.48 7.78
C ALA D 26 34.25 14.34 9.31
N TYR D 27 34.09 13.10 9.78
CA TYR D 27 34.08 12.83 11.21
C TYR D 27 35.43 12.29 11.64
N ASP D 28 36.13 13.04 12.49
CA ASP D 28 37.45 12.64 12.95
C ASP D 28 37.37 11.28 13.65
N PRO D 29 38.21 10.32 13.22
CA PRO D 29 38.09 8.96 13.74
C PRO D 29 38.50 8.79 15.20
N HIS D 30 39.07 9.84 15.79
CA HIS D 30 39.43 9.81 17.21
C HIS D 30 38.32 10.40 18.06
N ASP D 31 37.78 11.54 17.63
CA ASP D 31 36.80 12.27 18.41
C ASP D 31 35.35 11.83 18.15
N PHE D 32 35.17 10.88 17.25
CA PHE D 32 33.85 10.32 16.98
C PHE D 32 33.91 8.79 16.96
N ARG D 33 32.87 8.15 17.48
CA ARG D 33 32.78 6.70 17.48
C ARG D 33 32.26 6.20 16.14
N ILE D 34 33.04 6.42 15.08
CA ILE D 34 32.63 6.04 13.74
C ILE D 34 32.79 4.54 13.51
N GLU D 35 33.36 3.85 14.48
CA GLU D 35 33.60 2.42 14.37
C GLU D 35 32.31 1.64 14.37
N TRP D 36 31.25 2.25 14.89
CA TRP D 36 29.96 1.58 15.02
C TRP D 36 29.05 1.85 13.82
N GLY D 37 29.49 2.71 12.92
CA GLY D 37 28.68 3.07 11.76
C GLY D 37 27.60 4.07 12.12
N PRO D 38 27.01 4.71 11.09
CA PRO D 38 26.02 5.77 11.29
C PRO D 38 24.63 5.28 11.68
N ILE D 39 24.01 6.01 12.61
CA ILE D 39 22.60 5.81 12.96
C ILE D 39 21.86 7.04 12.46
N PHE D 40 20.88 6.82 11.58
CA PHE D 40 20.34 7.88 10.75
C PHE D 40 19.16 8.63 11.35
N HIS D 41 18.20 7.92 11.93
CA HIS D 41 16.97 8.54 12.37
C HIS D 41 16.11 7.68 13.28
N ARG D 42 14.98 8.25 13.69
CA ARG D 42 13.89 7.52 14.30
C ARG D 42 12.57 8.25 14.04
N GLY D 43 11.67 7.58 13.33
CA GLY D 43 10.35 8.12 13.09
C GLY D 43 9.89 7.95 11.66
N ARG D 44 8.96 8.81 11.26
CA ARG D 44 8.30 8.71 9.97
C ARG D 44 9.09 9.39 8.86
N LEU D 45 9.22 8.70 7.74
CA LEU D 45 9.87 9.24 6.55
C LEU D 45 8.89 9.22 5.39
N ASP D 46 7.61 8.95 5.69
CA ASP D 46 6.57 8.85 4.68
C ASP D 46 5.88 10.20 4.47
N GLY D 47 6.19 11.16 5.34
CA GLY D 47 5.67 12.51 5.23
C GLY D 47 4.59 12.83 6.24
N SER D 48 4.23 11.85 7.07
CA SER D 48 3.17 12.03 8.06
C SER D 48 3.68 12.66 9.35
N ALA D 49 4.98 12.90 9.43
CA ALA D 49 5.57 13.51 10.62
C ALA D 49 5.09 14.95 10.77
N ARG D 50 4.77 15.32 12.01
CA ARG D 50 4.28 16.66 12.31
C ARG D 50 5.30 17.48 13.10
N VAL D 51 6.11 16.79 13.89
CA VAL D 51 7.13 17.44 14.70
C VAL D 51 8.51 16.87 14.40
N LEU D 52 9.48 17.76 14.25
CA LEU D 52 10.88 17.35 14.06
C LEU D 52 11.65 17.50 15.36
N ILE D 53 12.33 16.44 15.77
CA ILE D 53 13.25 16.50 16.90
C ILE D 53 14.67 16.50 16.40
N VAL D 54 15.48 17.44 16.88
CA VAL D 54 16.90 17.44 16.61
C VAL D 54 17.67 17.03 17.87
N GLY D 55 18.21 15.83 17.87
CA GLY D 55 18.98 15.34 19.00
C GLY D 55 20.45 15.68 18.84
N GLN D 56 21.29 15.14 19.71
CA GLN D 56 22.72 15.44 19.68
C GLN D 56 23.53 14.31 19.06
N ASP D 57 23.70 13.21 19.81
CA ASP D 57 24.49 12.08 19.33
C ASP D 57 24.02 10.77 19.98
N PRO D 58 24.23 9.63 19.28
CA PRO D 58 23.73 8.33 19.75
C PRO D 58 24.56 7.71 20.88
N ALA D 59 23.98 6.73 21.56
CA ALA D 59 24.66 6.01 22.63
C ALA D 59 24.74 4.52 22.29
N GLN D 60 24.88 3.65 23.28
CA GLN D 60 25.10 2.24 23.02
C GLN D 60 23.80 1.50 22.70
N HIS D 61 22.68 1.95 23.28
CA HIS D 61 21.39 1.36 22.95
C HIS D 61 21.05 1.60 21.50
N GLU D 62 21.30 2.83 21.04
CA GLU D 62 21.02 3.22 19.67
C GLU D 62 21.92 2.48 18.70
N THR D 63 23.10 2.08 19.17
CA THR D 63 24.08 1.40 18.33
C THR D 63 23.63 -0.03 17.98
N ILE D 64 22.73 -0.58 18.77
CA ILE D 64 22.22 -1.93 18.54
C ILE D 64 20.88 -1.88 17.80
N VAL D 65 19.99 -1.01 18.27
CA VAL D 65 18.67 -0.88 17.69
C VAL D 65 18.75 -0.27 16.30
N ARG D 66 19.76 0.56 16.08
CA ARG D 66 20.02 1.25 14.82
C ARG D 66 18.98 2.34 14.52
N ARG D 67 18.33 2.82 15.56
CA ARG D 67 17.51 4.03 15.50
C ARG D 67 17.93 4.95 16.63
N ILE D 68 17.79 6.27 16.43
CA ILE D 68 18.31 7.21 17.42
C ILE D 68 17.31 7.38 18.55
N LEU D 69 17.80 7.83 19.70
CA LEU D 69 16.96 8.15 20.85
C LEU D 69 16.01 7.01 21.23
N VAL D 70 16.59 5.86 21.58
CA VAL D 70 15.79 4.73 22.06
C VAL D 70 16.14 4.42 23.52
N GLY D 71 17.07 5.18 24.07
CA GLY D 71 17.48 5.03 25.46
C GLY D 71 16.66 5.90 26.39
N THR D 72 17.23 6.21 27.55
CA THR D 72 16.51 7.01 28.55
C THR D 72 16.17 8.39 28.02
N ALA D 73 17.06 8.97 27.23
CA ALA D 73 16.82 10.26 26.61
C ALA D 73 15.61 10.19 25.69
N GLY D 74 15.49 9.09 24.97
CA GLY D 74 14.39 8.88 24.04
C GLY D 74 13.04 8.73 24.72
N ARG D 75 13.04 8.03 25.85
CA ARG D 75 11.80 7.79 26.59
C ARG D 75 11.28 9.06 27.23
N ARG D 76 12.19 9.97 27.56
CA ARG D 76 11.81 11.26 28.11
C ARG D 76 11.27 12.15 26.99
N THR D 77 11.84 11.99 25.81
CA THR D 77 11.41 12.74 24.64
C THR D 77 10.03 12.27 24.17
N GLN D 78 9.78 10.97 24.27
CA GLN D 78 8.49 10.40 23.93
C GLN D 78 7.38 10.98 24.79
N GLY D 79 7.65 11.14 26.08
CA GLY D 79 6.67 11.66 27.01
C GLY D 79 6.42 13.13 26.78
N PHE D 80 7.45 13.83 26.31
CA PHE D 80 7.34 15.24 25.97
C PHE D 80 6.41 15.42 24.78
N LEU D 81 6.60 14.58 23.77
CA LEU D 81 5.75 14.60 22.58
C LEU D 81 4.35 14.12 22.91
N ALA D 82 4.26 13.15 23.82
CA ALA D 82 2.98 12.58 24.22
C ALA D 82 2.09 13.65 24.85
N LYS D 83 2.72 14.66 25.43
CA LYS D 83 1.98 15.77 26.05
C LYS D 83 1.38 16.70 25.01
N LEU D 84 1.93 16.67 23.80
CA LEU D 84 1.43 17.48 22.69
C LEU D 84 0.42 16.71 21.83
N GLY D 85 0.10 15.49 22.24
CA GLY D 85 -0.81 14.65 21.49
C GLY D 85 -0.11 13.86 20.40
N ILE D 86 1.20 14.01 20.30
CA ILE D 86 2.01 13.29 19.32
C ILE D 86 2.44 11.93 19.88
N VAL D 87 1.98 10.85 19.27
CA VAL D 87 2.31 9.50 19.73
C VAL D 87 3.16 8.74 18.70
N GLN D 88 2.96 9.02 17.42
CA GLN D 88 3.72 8.34 16.37
C GLN D 88 4.10 9.27 15.22
N SER D 89 3.45 10.42 15.13
CA SER D 89 3.68 11.35 14.02
C SER D 89 4.86 12.26 14.33
N TYR D 90 6.06 11.72 14.20
CA TYR D 90 7.28 12.48 14.45
C TYR D 90 8.44 11.94 13.63
N VAL D 91 9.50 12.74 13.53
CA VAL D 91 10.75 12.29 12.92
C VAL D 91 11.92 12.90 13.69
N MET D 92 12.92 12.08 13.99
CA MET D 92 14.07 12.52 14.76
C MET D 92 15.38 12.32 14.01
N VAL D 93 16.24 13.32 14.11
CA VAL D 93 17.56 13.28 13.51
C VAL D 93 18.57 13.87 14.49
N ASN D 94 19.79 13.36 14.46
CA ASN D 94 20.82 13.82 15.39
C ASN D 94 21.75 14.83 14.75
N THR D 95 22.38 15.65 15.59
CA THR D 95 23.35 16.63 15.11
C THR D 95 24.51 15.90 14.46
N PHE D 96 24.88 14.77 15.04
CA PHE D 96 25.98 13.95 14.53
C PHE D 96 25.51 12.55 14.19
N LEU D 97 26.04 12.01 13.10
CA LEU D 97 25.70 10.66 12.67
C LEU D 97 26.21 9.64 13.68
N TYR D 98 27.40 9.90 14.20
CA TYR D 98 28.06 9.00 15.13
C TYR D 98 28.06 9.60 16.53
N SER D 99 28.43 8.78 17.51
CA SER D 99 28.52 9.23 18.90
C SER D 99 29.83 9.97 19.11
N VAL D 100 29.85 10.88 20.07
CA VAL D 100 31.07 11.59 20.42
C VAL D 100 31.94 10.69 21.28
N TYR D 101 33.24 10.70 21.00
CA TYR D 101 34.20 10.03 21.87
C TYR D 101 35.09 11.08 22.52
N GLY D 102 34.69 11.46 23.72
CA GLY D 102 35.37 12.46 24.51
C GLY D 102 34.35 13.14 25.40
N GLN D 103 33.11 13.18 24.91
CA GLN D 103 32.01 13.83 25.59
C GLN D 103 32.35 15.24 26.07
N SER D 104 33.20 15.93 25.32
CA SER D 104 33.50 17.35 25.56
C SER D 104 33.19 18.37 24.44
N GLY D 105 33.70 18.23 23.21
CA GLY D 105 34.44 17.08 22.70
C GLY D 105 33.96 16.84 21.29
N GLY D 106 32.65 17.02 21.10
CA GLY D 106 32.03 17.01 19.78
C GLY D 106 31.83 18.42 19.25
N SER D 107 31.95 19.41 20.12
CA SER D 107 31.78 20.81 19.74
C SER D 107 33.06 21.34 19.08
N LYS D 108 34.06 20.47 19.01
CA LYS D 108 35.32 20.78 18.34
C LYS D 108 35.18 20.74 16.82
N HIS D 109 34.22 19.97 16.33
CA HIS D 109 34.08 19.74 14.88
C HIS D 109 32.67 20.08 14.42
N LYS D 110 31.98 20.94 15.17
CA LYS D 110 30.58 21.25 14.89
C LYS D 110 30.36 22.06 13.61
N ASN D 111 31.43 22.62 13.07
CA ASN D 111 31.33 23.46 11.88
C ASN D 111 31.98 22.82 10.65
N GLU D 112 32.28 21.53 10.73
CA GLU D 112 32.89 20.83 9.62
C GLU D 112 31.92 20.73 8.44
N PRO D 113 32.31 21.27 7.27
CA PRO D 113 31.41 21.25 6.10
C PRO D 113 30.94 19.86 5.73
N GLY D 114 31.83 18.88 5.79
CA GLY D 114 31.48 17.52 5.42
C GLY D 114 30.40 16.95 6.34
N ILE D 115 30.28 17.55 7.53
CA ILE D 115 29.31 17.10 8.52
C ILE D 115 28.00 17.86 8.41
N VAL D 116 28.09 19.18 8.32
CA VAL D 116 26.89 20.02 8.29
C VAL D 116 26.15 19.87 6.97
N ASP D 117 26.90 19.78 5.87
CA ASP D 117 26.30 19.64 4.56
C ASP D 117 25.45 18.38 4.49
N TYR D 118 25.96 17.28 5.05
CA TYR D 118 25.24 16.03 5.00
C TYR D 118 24.01 16.05 5.90
N ARG D 119 24.10 16.75 7.03
CA ARG D 119 22.96 16.86 7.93
C ARG D 119 21.89 17.74 7.30
N ASN D 120 22.33 18.76 6.56
CA ASN D 120 21.42 19.66 5.88
C ASN D 120 20.58 18.90 4.85
N LYS D 121 21.19 17.89 4.24
CA LYS D 121 20.50 17.04 3.29
C LYS D 121 19.39 16.23 3.96
N TRP D 122 19.62 15.82 5.20
CA TRP D 122 18.61 15.09 5.95
C TRP D 122 17.51 16.03 6.44
N PHE D 123 17.88 17.28 6.71
CA PHE D 123 16.90 18.30 7.09
C PHE D 123 15.97 18.64 5.91
N LYS D 124 16.58 18.87 4.75
CA LYS D 124 15.83 19.24 3.56
C LYS D 124 14.81 18.18 3.16
N ALA D 125 15.15 16.91 3.33
CA ALA D 125 14.30 15.82 2.90
C ALA D 125 13.06 15.65 3.78
N VAL D 126 13.26 15.64 5.09
CA VAL D 126 12.14 15.46 6.01
C VAL D 126 11.23 16.68 6.05
N LEU D 127 11.80 17.85 5.72
CA LEU D 127 11.05 19.09 5.72
C LEU D 127 10.36 19.35 4.38
N GLY D 128 10.84 18.67 3.33
CA GLY D 128 10.36 18.89 1.98
C GLY D 128 8.85 18.87 1.78
N PRO D 129 8.18 17.83 2.27
CA PRO D 129 6.73 17.69 2.14
C PRO D 129 5.94 18.80 2.82
N GLY D 130 6.62 19.65 3.59
CA GLY D 130 5.99 20.82 4.17
C GLY D 130 4.94 20.52 5.22
N ASN D 131 5.02 19.33 5.81
CA ASN D 131 4.04 18.88 6.80
C ASN D 131 4.48 19.11 8.24
N ILE D 132 5.75 19.44 8.43
CA ILE D 132 6.28 19.72 9.76
C ILE D 132 5.77 21.07 10.24
N GLU D 133 5.22 21.11 11.44
CA GLU D 133 4.67 22.35 12.00
C GLU D 133 5.39 22.81 13.27
N ALA D 134 6.32 22.00 13.76
CA ALA D 134 7.09 22.35 14.95
C ALA D 134 8.43 21.63 15.00
N VAL D 135 9.45 22.33 15.47
CA VAL D 135 10.79 21.77 15.61
C VAL D 135 11.31 21.94 17.03
N VAL D 136 11.84 20.85 17.60
CA VAL D 136 12.44 20.89 18.93
C VAL D 136 13.87 20.35 18.88
N SER D 137 14.82 21.15 19.33
CA SER D 137 16.21 20.72 19.43
C SER D 137 16.54 20.32 20.85
N LEU D 138 17.35 19.28 21.00
CA LEU D 138 17.76 18.79 22.32
C LEU D 138 19.20 19.17 22.59
N GLY D 139 19.41 20.07 23.55
CA GLY D 139 20.74 20.52 23.90
C GLY D 139 21.15 21.72 23.07
N GLY D 140 22.32 22.27 23.39
CA GLY D 140 22.80 23.48 22.75
C GLY D 140 23.42 23.25 21.39
N LEU D 141 23.94 22.05 21.15
CA LEU D 141 24.58 21.75 19.87
C LEU D 141 23.54 21.48 18.79
N ALA D 142 22.42 20.89 19.19
CA ALA D 142 21.31 20.69 18.26
C ALA D 142 20.73 22.05 17.89
N ASP D 143 20.73 22.96 18.86
CA ASP D 143 20.26 24.32 18.64
C ASP D 143 21.10 25.02 17.59
N GLU D 144 22.42 24.89 17.68
CA GLU D 144 23.31 25.51 16.71
C GLU D 144 23.21 24.82 15.36
N ALA D 145 22.85 23.54 15.37
CA ALA D 145 22.71 22.77 14.15
C ALA D 145 21.52 23.28 13.36
N TRP D 146 20.43 23.56 14.07
CA TRP D 146 19.22 24.08 13.46
C TRP D 146 19.45 25.50 12.95
N LYS D 147 20.26 26.26 13.69
CA LYS D 147 20.53 27.64 13.32
C LYS D 147 21.46 27.72 12.12
N ALA D 148 22.34 26.74 11.97
CA ALA D 148 23.25 26.68 10.83
C ALA D 148 22.45 26.33 9.57
N TRP D 149 21.35 25.64 9.77
CA TRP D 149 20.47 25.24 8.67
C TRP D 149 19.69 26.43 8.14
N LEU D 150 19.22 27.28 9.05
CA LEU D 150 18.44 28.45 8.68
C LEU D 150 19.30 29.50 7.97
N LYS D 151 20.62 29.36 8.09
CA LYS D 151 21.54 30.31 7.51
C LYS D 151 21.96 29.88 6.11
N SER D 152 21.48 28.70 5.70
CA SER D 152 21.71 28.20 4.35
C SER D 152 20.57 28.61 3.42
N SER D 153 20.78 28.47 2.12
CA SER D 153 19.80 28.87 1.12
C SER D 153 18.51 28.07 1.26
N ASP D 154 18.64 26.75 1.33
CA ASP D 154 17.48 25.85 1.36
C ASP D 154 16.73 25.95 2.67
N GLY D 155 17.39 26.45 3.71
CA GLY D 155 16.81 26.48 5.03
C GLY D 155 16.27 27.85 5.40
N ALA D 156 16.60 28.85 4.59
CA ALA D 156 16.13 30.21 4.82
C ALA D 156 14.61 30.28 4.87
N ALA D 157 13.95 29.33 4.21
CA ALA D 157 12.50 29.31 4.12
C ALA D 157 11.83 28.69 5.34
N TYR D 158 12.60 28.47 6.40
CA TYR D 158 12.07 27.82 7.60
C TYR D 158 12.34 28.63 8.86
N LYS D 159 12.74 29.88 8.70
CA LYS D 159 12.93 30.78 9.83
C LYS D 159 11.60 31.06 10.53
N THR D 160 10.50 30.84 9.82
CA THR D 160 9.17 31.14 10.33
C THR D 160 8.58 29.97 11.10
N LEU D 161 9.15 28.79 10.89
CA LEU D 161 8.61 27.56 11.47
C LEU D 161 8.79 27.54 12.98
N ALA D 162 7.72 27.21 13.69
CA ALA D 162 7.73 27.17 15.16
C ALA D 162 8.90 26.33 15.65
N TYR D 163 9.67 26.88 16.58
CA TYR D 163 10.89 26.24 17.04
C TYR D 163 11.17 26.53 18.51
N GLN D 164 11.58 25.49 19.22
CA GLN D 164 11.94 25.61 20.64
C GLN D 164 13.21 24.84 20.94
N HIS D 165 14.17 25.54 21.53
CA HIS D 165 15.38 24.91 22.05
C HIS D 165 15.14 24.56 23.52
N ILE D 166 15.11 23.27 23.81
CA ILE D 166 14.93 22.82 25.19
C ILE D 166 16.21 22.16 25.72
N THR D 167 16.25 21.92 27.02
CA THR D 167 17.41 21.29 27.63
C THR D 167 17.45 19.82 27.28
N HIS D 168 18.66 19.30 27.08
CA HIS D 168 18.86 17.90 26.76
C HIS D 168 18.34 17.00 27.89
N PRO D 169 17.51 16.00 27.57
CA PRO D 169 16.85 15.17 28.59
C PRO D 169 17.78 14.57 29.67
N THR D 170 19.04 14.30 29.32
CA THR D 170 19.97 13.67 30.26
C THR D 170 20.95 14.67 30.86
N TRP D 171 20.55 15.94 30.92
CA TRP D 171 21.41 16.98 31.47
C TRP D 171 21.58 16.84 32.98
N PRO D 172 20.48 16.57 33.72
CA PRO D 172 20.60 16.44 35.18
C PRO D 172 21.61 15.39 35.63
N GLU D 173 21.55 14.19 35.05
CA GLU D 173 22.47 13.13 35.44
C GLU D 173 23.86 13.38 34.87
N SER D 174 23.97 14.34 33.97
CA SER D 174 25.25 14.69 33.35
C SER D 174 25.95 15.82 34.10
N SER D 175 25.18 16.60 34.86
CA SER D 175 25.71 17.77 35.54
C SER D 175 26.25 17.42 36.93
N ALA D 176 25.78 16.32 37.49
CA ALA D 176 26.18 15.93 38.83
C ALA D 176 25.88 14.45 39.13
N HIS D 177 26.51 13.94 40.19
CA HIS D 177 26.31 12.56 40.63
C HIS D 177 25.48 12.56 41.90
N ASP D 178 25.49 13.69 42.61
CA ASP D 178 24.72 13.82 43.83
C ASP D 178 23.23 13.72 43.53
N SER D 179 22.55 12.83 44.24
CA SER D 179 21.12 12.60 44.04
C SER D 179 20.31 13.85 44.34
N ALA D 180 20.85 14.71 45.19
CA ALA D 180 20.19 15.95 45.58
C ALA D 180 20.28 16.99 44.46
N THR D 181 21.49 17.15 43.93
CA THR D 181 21.73 18.09 42.85
C THR D 181 21.01 17.66 41.58
N GLN D 182 20.90 16.36 41.37
CA GLN D 182 20.19 15.82 40.22
C GLN D 182 18.71 16.16 40.29
N ALA D 183 18.12 16.08 41.47
CA ALA D 183 16.71 16.39 41.65
C ALA D 183 16.46 17.88 41.48
N ALA D 184 17.45 18.69 41.87
CA ALA D 184 17.33 20.13 41.77
C ALA D 184 17.41 20.54 40.30
N ASN D 185 18.33 19.93 39.57
CA ASN D 185 18.52 20.23 38.16
C ASN D 185 17.33 19.75 37.33
N THR D 186 16.73 18.63 37.73
CA THR D 186 15.59 18.08 37.02
C THR D 186 14.39 19.02 37.11
N LYS D 187 14.17 19.57 38.31
CA LYS D 187 13.06 20.49 38.54
C LYS D 187 13.22 21.73 37.67
N ILE D 188 14.46 22.15 37.49
CA ILE D 188 14.76 23.31 36.65
C ILE D 188 14.52 22.97 35.18
N MET D 189 14.91 21.76 34.78
CA MET D 189 14.73 21.34 33.40
C MET D 189 13.25 21.24 33.07
N LEU D 190 12.49 20.57 33.93
CA LEU D 190 11.06 20.40 33.72
C LEU D 190 10.34 21.74 33.67
N ALA D 191 10.89 22.74 34.33
CA ALA D 191 10.29 24.07 34.31
C ALA D 191 10.48 24.70 32.93
N LYS D 192 11.66 24.49 32.34
CA LYS D 192 11.93 25.01 31.02
C LYS D 192 11.17 24.20 29.97
N TRP D 193 10.99 22.91 30.24
CA TRP D 193 10.23 22.05 29.34
C TRP D 193 8.76 22.46 29.33
N ASN D 194 8.25 22.85 30.49
CA ASN D 194 6.86 23.30 30.60
C ASN D 194 6.65 24.59 29.81
N ALA D 195 7.69 25.43 29.77
CA ALA D 195 7.64 26.69 29.04
C ALA D 195 7.58 26.43 27.54
N ALA D 196 8.30 25.41 27.10
CA ALA D 196 8.34 25.07 25.69
C ALA D 196 7.02 24.43 25.27
N LEU D 197 6.44 23.64 26.16
CA LEU D 197 5.16 22.99 25.89
C LEU D 197 4.05 24.02 25.75
N ALA D 198 4.15 25.11 26.51
CA ALA D 198 3.15 26.17 26.47
C ALA D 198 3.23 26.92 25.15
N ALA D 199 4.45 27.04 24.62
CA ALA D 199 4.67 27.79 23.38
C ALA D 199 4.34 26.94 22.15
N LEU D 200 4.38 25.62 22.31
CA LEU D 200 4.22 24.70 21.18
C LEU D 200 2.82 24.11 21.07
N ALA D 201 2.09 24.05 22.18
CA ALA D 201 0.78 23.43 22.19
C ALA D 201 -0.17 24.05 21.15
N PRO D 202 -0.14 25.39 20.99
CA PRO D 202 -1.01 25.97 19.98
C PRO D 202 -0.49 25.82 18.55
N GLU D 203 0.80 25.49 18.40
CA GLU D 203 1.40 25.34 17.08
C GLU D 203 1.17 23.93 16.52
N VAL D 204 1.08 22.95 17.41
CA VAL D 204 0.82 21.58 17.02
C VAL D 204 -0.68 21.38 16.82
N LYS D 205 -1.13 21.65 15.60
CA LYS D 205 -2.55 21.64 15.27
C LYS D 205 -3.00 20.30 14.69
N HIS D 206 -2.07 19.38 14.50
CA HIS D 206 -2.38 18.06 13.96
C HIS D 206 -1.88 16.94 14.86
N PRO D 207 -2.43 16.85 16.08
CA PRO D 207 -2.02 15.76 16.96
C PRO D 207 -2.66 14.44 16.56
N ASP D 208 -1.97 13.34 16.81
CA ASP D 208 -2.52 12.01 16.57
C ASP D 208 -3.66 11.74 17.54
N VAL D 209 -3.60 12.40 18.69
CA VAL D 209 -4.63 12.29 19.71
C VAL D 209 -4.83 13.65 20.39
N PRO D 210 -6.03 14.23 20.28
CA PRO D 210 -6.27 15.50 20.98
C PRO D 210 -6.07 15.35 22.48
N THR D 211 -5.23 16.21 23.05
CA THR D 211 -4.83 16.08 24.45
C THR D 211 -4.67 17.46 25.08
N THR D 212 -5.33 17.66 26.22
CA THR D 212 -5.16 18.89 26.99
C THR D 212 -3.83 18.82 27.70
N LEU D 213 -3.07 19.90 27.62
CA LEU D 213 -1.72 19.93 28.19
C LEU D 213 -1.75 19.74 29.69
N VAL D 214 -0.92 18.79 30.15
CA VAL D 214 -0.72 18.57 31.57
C VAL D 214 0.75 18.87 31.85
N PRO D 215 1.04 19.98 32.54
CA PRO D 215 2.44 20.33 32.73
C PRO D 215 3.18 19.41 33.68
N TYR D 216 4.50 19.39 33.59
CA TYR D 216 5.32 18.57 34.47
C TYR D 216 5.24 19.07 35.90
N GLY D 217 5.53 18.16 36.84
CA GLY D 217 5.69 18.53 38.23
C GLY D 217 7.13 18.91 38.46
N ASP D 218 7.64 18.61 39.65
CA ASP D 218 9.04 18.90 39.98
C ASP D 218 9.94 17.75 39.53
N ALA D 219 9.35 16.56 39.37
CA ALA D 219 10.08 15.39 38.92
C ALA D 219 9.28 14.62 37.88
N PHE D 220 9.97 13.75 37.15
CA PHE D 220 9.31 12.90 36.17
C PHE D 220 8.34 11.94 36.87
N LYS D 221 7.17 11.80 36.28
CA LYS D 221 6.19 10.81 36.71
C LYS D 221 6.35 9.58 35.81
N PRO D 222 5.96 8.39 36.31
CA PRO D 222 6.10 7.17 35.51
C PRO D 222 5.37 7.23 34.17
N SER D 223 4.28 8.00 34.13
CA SER D 223 3.45 8.11 32.94
C SER D 223 4.05 9.06 31.92
N GLU D 224 4.97 9.90 32.36
CA GLU D 224 5.64 10.85 31.48
C GLU D 224 6.92 10.24 30.91
N LEU D 225 7.15 8.97 31.22
CA LEU D 225 8.24 8.21 30.64
C LEU D 225 7.64 7.12 29.75
N VAL D 226 7.72 7.34 28.44
CA VAL D 226 7.01 6.52 27.47
C VAL D 226 7.94 5.66 26.63
N ASP D 227 7.64 4.36 26.58
CA ASP D 227 8.42 3.42 25.79
C ASP D 227 8.32 3.72 24.29
N ILE D 228 9.42 3.50 23.58
CA ILE D 228 9.44 3.66 22.14
C ILE D 228 8.46 2.67 21.51
N ILE D 229 7.78 3.09 20.45
CA ILE D 229 6.74 2.28 19.84
C ILE D 229 7.32 1.26 18.86
N ALA D 230 6.61 0.16 18.69
CA ALA D 230 7.07 -0.94 17.84
C ALA D 230 7.32 -0.48 16.43
N LYS D 231 6.48 0.44 15.96
CA LYS D 231 6.54 0.95 14.61
C LYS D 231 7.86 1.65 14.29
N ASP D 232 8.60 2.02 15.33
CA ASP D 232 9.87 2.74 15.16
C ASP D 232 11.07 1.81 14.99
N LEU D 233 10.92 0.55 15.37
CA LEU D 233 12.04 -0.39 15.36
C LEU D 233 12.02 -1.27 14.11
N PRO D 234 13.19 -1.69 13.62
CA PRO D 234 13.27 -2.64 12.51
C PRO D 234 12.50 -3.93 12.77
N ALA D 235 12.24 -4.68 11.70
CA ALA D 235 11.45 -5.91 11.79
C ALA D 235 12.16 -6.97 12.62
N GLY D 236 11.47 -7.46 13.64
CA GLY D 236 11.94 -8.59 14.42
C GLY D 236 12.54 -8.26 15.77
N LEU D 237 12.87 -7.01 16.01
CA LEU D 237 13.49 -6.64 17.28
C LEU D 237 12.49 -6.93 18.41
N PRO D 238 12.95 -7.61 19.48
CA PRO D 238 12.04 -8.01 20.55
C PRO D 238 11.56 -6.83 21.38
N ALA D 239 10.45 -7.02 22.09
CA ALA D 239 9.76 -5.94 22.79
C ALA D 239 10.61 -5.28 23.88
N TRP D 240 11.52 -6.03 24.47
CA TRP D 240 12.32 -5.49 25.59
C TRP D 240 13.36 -4.50 25.11
N MET D 241 13.65 -4.49 23.81
CA MET D 241 14.56 -3.50 23.24
C MET D 241 13.87 -2.14 23.19
N ARG D 242 12.55 -2.16 23.37
CA ARG D 242 11.74 -0.95 23.47
C ARG D 242 10.91 -0.98 24.75
N GLY D 243 11.53 -1.50 25.81
CA GLY D 243 10.93 -1.54 27.13
C GLY D 243 11.54 -0.45 28.00
N ASP D 244 11.27 -0.51 29.30
CA ASP D 244 11.70 0.55 30.21
C ASP D 244 13.01 0.23 30.93
N THR D 245 13.51 -1.00 30.78
CA THR D 245 14.70 -1.45 31.50
C THR D 245 15.93 -1.44 30.60
N PRO D 246 17.03 -0.82 31.06
CA PRO D 246 18.29 -0.85 30.29
C PRO D 246 18.78 -2.26 30.00
N TRP D 247 19.49 -2.40 28.87
CA TRP D 247 19.95 -3.71 28.44
C TRP D 247 21.26 -3.61 27.65
N ALA D 248 21.82 -2.42 27.57
CA ALA D 248 23.06 -2.21 26.83
C ALA D 248 24.02 -1.29 27.59
N VAL D 249 25.29 -1.69 27.62
CA VAL D 249 26.32 -0.91 28.28
C VAL D 249 27.68 -1.21 27.65
N ARG D 250 28.58 -0.23 27.68
CA ARG D 250 29.95 -0.44 27.23
C ARG D 250 30.80 -1.02 28.36
N GLN D 251 31.68 -1.96 28.02
CA GLN D 251 32.46 -2.65 29.04
C GLN D 251 33.93 -2.84 28.64
N GLY D 252 34.83 -2.44 29.54
CA GLY D 252 36.25 -2.60 29.32
C GLY D 252 37.07 -2.24 30.54
N VAL D 253 38.29 -2.79 30.63
CA VAL D 253 39.15 -2.54 31.78
C VAL D 253 39.74 -1.14 31.74
N ASP D 254 39.98 -0.63 30.54
CA ASP D 254 40.45 0.74 30.35
C ASP D 254 39.70 1.42 29.20
N ALA D 255 40.12 2.63 28.85
CA ALA D 255 39.44 3.42 27.84
C ALA D 255 39.46 2.73 26.48
N ALA D 256 40.58 2.14 26.13
CA ALA D 256 40.73 1.51 24.82
C ALA D 256 39.85 0.28 24.69
N ALA D 257 39.73 -0.49 25.77
CA ALA D 257 38.93 -1.70 25.78
C ALA D 257 37.44 -1.40 25.92
N LYS D 258 37.13 -0.35 26.68
CA LYS D 258 35.76 0.04 26.93
C LYS D 258 35.13 0.56 25.64
N ARG D 259 35.97 1.15 24.79
CA ARG D 259 35.52 1.70 23.52
C ARG D 259 35.16 0.60 22.51
N ARG D 260 35.80 -0.56 22.64
CA ARG D 260 35.68 -1.61 21.64
C ARG D 260 34.56 -2.61 21.87
N THR D 261 33.84 -2.49 22.98
CA THR D 261 32.92 -3.54 23.39
C THR D 261 31.57 -3.00 23.83
N ILE D 262 30.51 -3.71 23.46
CA ILE D 262 29.17 -3.46 23.98
C ILE D 262 28.61 -4.75 24.56
N MET D 263 28.05 -4.64 25.74
CA MET D 263 27.47 -5.76 26.47
C MET D 263 25.94 -5.66 26.42
N ILE D 264 25.30 -6.70 25.90
CA ILE D 264 23.83 -6.73 25.83
C ILE D 264 23.28 -7.72 26.85
N THR D 265 22.35 -7.24 27.68
CA THR D 265 21.75 -8.07 28.71
C THR D 265 20.23 -7.97 28.69
N ILE D 266 19.57 -9.09 28.40
CA ILE D 266 18.12 -9.16 28.36
C ILE D 266 17.54 -8.89 29.75
N PRO D 267 16.57 -7.98 29.85
CA PRO D 267 15.96 -7.72 31.16
C PRO D 267 15.38 -8.96 31.81
N ASP D 268 15.35 -8.96 33.14
CA ASP D 268 14.79 -10.08 33.90
C ASP D 268 13.28 -10.16 33.66
N GLY D 269 12.77 -11.37 33.52
CA GLY D 269 11.36 -11.61 33.35
C GLY D 269 10.98 -12.03 31.93
N VAL D 270 11.89 -11.79 30.99
CA VAL D 270 11.64 -12.17 29.61
C VAL D 270 11.70 -13.68 29.44
N ILE D 271 12.84 -14.28 29.79
CA ILE D 271 12.99 -15.72 29.70
C ILE D 271 12.35 -16.37 30.93
N PRO D 272 11.50 -17.39 30.71
CA PRO D 272 10.79 -18.03 31.84
C PRO D 272 11.74 -18.64 32.87
N9 XAN E . -24.37 -10.29 -22.36
C4 XAN E . -23.29 -10.51 -21.60
N3 XAN E . -22.60 -9.78 -20.71
C2 XAN E . -21.52 -10.28 -20.09
O2 XAN E . -20.92 -9.56 -19.26
N1 XAN E . -21.05 -11.52 -20.31
C6 XAN E . -21.64 -12.36 -21.18
O6 XAN E . -21.19 -13.51 -21.37
C5 XAN E . -22.84 -11.86 -21.90
N7 XAN E . -23.68 -12.37 -22.82
C8 XAN E . -24.61 -11.41 -23.09
HN9 XAN E . -24.93 -9.41 -22.39
HN3 XAN E . -22.92 -8.81 -20.50
HN1 XAN E . -20.21 -11.85 -19.79
H8 XAN E . -25.42 -11.52 -23.80
N9 XAN F . -22.05 21.16 -14.46
C4 XAN F . -21.74 20.77 -13.21
N3 XAN F . -21.36 19.62 -12.65
C2 XAN F . -21.11 19.53 -11.34
O2 XAN F . -20.76 18.42 -10.87
N1 XAN F . -21.21 20.57 -10.49
C6 XAN F . -21.58 21.78 -10.91
O6 XAN F . -21.67 22.75 -10.11
C5 XAN F . -21.87 21.95 -12.36
N7 XAN F . -22.26 22.97 -13.15
C8 XAN F . -22.37 22.49 -14.42
HN9 XAN F . -22.06 20.57 -15.30
HN3 XAN F . -21.26 18.76 -13.25
HN1 XAN F . -21.00 20.43 -9.48
H8 XAN F . -22.66 23.07 -15.29
N9 XAN G . 25.43 -20.40 12.27
C4 XAN G . 24.35 -20.20 11.48
N3 XAN G . 23.76 -19.12 10.96
C2 XAN G . 22.66 -19.25 10.19
O2 XAN G . 22.15 -18.21 9.71
N1 XAN G . 22.09 -20.44 9.90
C6 XAN G . 22.58 -21.59 10.36
O6 XAN G . 22.04 -22.68 10.09
C5 XAN G . 23.79 -21.53 11.22
N7 XAN G . 24.57 -22.42 11.87
C8 XAN G . 25.55 -21.73 12.50
HN9 XAN G . 26.05 -19.66 12.64
HN3 XAN G . 24.16 -18.19 11.14
HN1 XAN G . 21.24 -20.45 9.29
H8 XAN G . 26.33 -22.18 13.10
N9 XAN H . 21.45 9.24 24.04
C4 XAN H . 21.14 9.74 22.83
N3 XAN H . 20.83 9.22 21.64
C2 XAN H . 20.54 9.99 20.59
O2 XAN H . 20.26 9.45 19.50
N1 XAN H . 20.55 11.34 20.64
C6 XAN H . 20.84 12.00 21.76
O6 XAN H . 20.84 13.25 21.80
C5 XAN H . 21.17 11.20 22.97
N7 XAN H . 21.50 11.46 24.25
C8 XAN H . 21.68 10.28 24.88
HN9 XAN H . 21.52 8.23 24.28
HN3 XAN H . 20.81 8.18 21.53
HN1 XAN H . 20.33 11.89 19.78
H8 XAN H . 21.95 10.17 25.93
#